data_3BE1
#
_entry.id   3BE1
#
_cell.length_a   62.324
_cell.length_b   115.056
_cell.length_c   208.171
_cell.angle_alpha   90.00
_cell.angle_beta   90.00
_cell.angle_gamma   90.00
#
_symmetry.space_group_name_H-M   'P 21 21 21'
#
loop_
_entity.id
_entity.type
_entity.pdbx_description
1 polymer 'Receptor tyrosine-protein kinase erbB-2'
2 polymer 'Fab Fragment-Heavy Chain'
3 polymer 'Fab Fragment-Light Chain'
4 non-polymer 2-acetamido-2-deoxy-beta-D-glucopyranose
5 non-polymer '2-(N-MORPHOLINO)-ETHANESULFONIC ACID'
#
loop_
_entity_poly.entity_id
_entity_poly.type
_entity_poly.pdbx_seq_one_letter_code
_entity_poly.pdbx_strand_id
1 'polypeptide(L)'
;TQVCTGTDMKLRLPASPETHLDMLRHLYQGCQVVQGNLELTYLPTNASLSFLQDIQEVQGYVLIAHNQVRQVPLQRLRIV
RGTQLFEDNYALAVLDNGDPLNNTTPVTGASPGGLRELQLRSLTEILKGGVLIQRNPQLCYQDTILWKDIFHKNNQLALT
LIDTNRSRACHPCSPMCKGSRCWGESSEDCQSLTRTVCAGGCARCKGPLPTDCCHEQCAAGCTGPKHSDCLACLHFNHSG
ICELHCPALVTYNTDTFESMPNPEGRYTFGASCVTACPYNYLSTDVGSCTLVCPLHNQEVTAEDGTQRCEKCSKPCARVC
YGLGMEHLREVRAVTSANIQEFAGCKKIFGSLAFLPESFDGDPASNTAPLQPEQLQVFETLEEITGYLYISAWPDSLPDL
SVFQNLQVIRGRILHNGAYSLTLQGLGISWLGLRSLRELGSGLALIHHNTHLCFVHTVPWDQLFRNPHQALLHTANRPED
ECVGEGLACHQLCARGHCWGPGPTQCVNCSQFLRGQECVEECRVLQGLPREYVNARHCLPCHPECQPQNGSVTCFGPEAD
QCVACAHYKDPPFCVARCPSGVKPDLSYMPIWKFPDEEGACQPCPINCTHSCVDLDDKGCPAEQ
;
A
2 'polypeptide(L)'
;EISEVQLVESGGGLVQPGGSLRLSCAASGFNIKDTYIHWVRQAPGKGLEWVARIYPTNGYTRYADSVKGRFTISADTSKN
TAYLQMNSLRAEDTAVYYCSRWGGDGFYAMDYWGQGTLVTVSSASTKGPSVFPLAPSSKSTSGGTAALGCLVKDYFPEPV
TVSWNSGALTSGVHTFPAVLQSSGLYSLSSVVTVPSSSLGTQTYICNVNHKPSNTKVDKKVEPKSCDKTH
;
H
3 'polypeptide(L)'
;DIQMTQSPSSLSASVGDRVTITCRASQDIPRSISGYVAWYQQKPGKAPKLLIYWGSYLYSGVPSRFSGSGSGTDFTLTIS
SLQPEDFATYYCQQHYTTPPTFGQGTKVEIKRTVAAPSVFIFPPSDEQLKSGTASVVCLLNNFYPREAKVQWKVDNALQS
GNSQESVTEQDSKDSTYSLSSTLTLSKADYEKHKVYACEVTHQGLSSPVTKSFNRGEC
;
L
#
loop_
_chem_comp.id
_chem_comp.type
_chem_comp.name
_chem_comp.formula
MES non-polymer '2-(N-MORPHOLINO)-ETHANESULFONIC ACID' 'C6 H13 N O4 S'
NAG D-saccharide, beta linking 2-acetamido-2-deoxy-beta-D-glucopyranose 'C8 H15 N O6'
#
# COMPACT_ATOMS: atom_id res chain seq x y z
N THR A 1 7.34 -24.39 21.81
CA THR A 1 8.32 -23.47 21.16
C THR A 1 9.17 -22.77 22.23
N GLN A 2 10.46 -22.56 21.91
CA GLN A 2 11.48 -22.20 22.90
C GLN A 2 11.20 -20.97 23.76
N VAL A 3 10.75 -19.89 23.14
CA VAL A 3 10.51 -18.69 23.92
C VAL A 3 9.03 -18.52 24.23
N CYS A 4 8.69 -18.51 25.51
CA CYS A 4 7.36 -18.15 25.93
C CYS A 4 7.39 -16.81 26.61
N THR A 5 6.19 -16.27 26.84
CA THR A 5 6.00 -15.04 27.57
C THR A 5 5.78 -15.48 29.01
N GLY A 6 5.80 -14.56 29.96
CA GLY A 6 5.59 -14.96 31.37
C GLY A 6 4.22 -14.56 31.85
N THR A 7 4.09 -14.35 33.16
CA THR A 7 2.88 -13.76 33.70
C THR A 7 3.21 -12.59 34.62
N ASP A 8 2.18 -11.95 35.15
CA ASP A 8 2.36 -10.83 36.05
C ASP A 8 1.11 -10.73 36.91
N MET A 9 1.06 -11.61 37.89
CA MET A 9 -0.08 -11.77 38.77
C MET A 9 0.34 -11.66 40.21
N LYS A 10 1.64 -11.71 40.46
CA LYS A 10 2.15 -11.64 41.82
C LYS A 10 1.39 -12.66 42.69
N LEU A 11 0.78 -12.22 43.79
CA LEU A 11 0.09 -13.15 44.67
C LEU A 11 -1.42 -13.14 44.46
N ARG A 12 -1.91 -12.55 43.38
CA ARG A 12 -3.35 -12.41 43.20
C ARG A 12 -4.06 -13.73 42.85
N LEU A 13 -5.23 -13.92 43.46
CA LEU A 13 -5.93 -15.21 43.41
C LEU A 13 -6.48 -15.44 42.02
N PRO A 14 -6.18 -16.59 41.41
CA PRO A 14 -6.74 -16.72 40.07
C PRO A 14 -8.27 -16.81 40.13
N ALA A 15 -8.98 -16.06 39.28
CA ALA A 15 -10.46 -16.03 39.34
C ALA A 15 -11.12 -17.36 38.91
N SER A 16 -10.39 -18.17 38.15
CA SER A 16 -10.90 -19.45 37.68
C SER A 16 -9.95 -20.61 38.05
N PRO A 17 -9.93 -21.01 39.34
CA PRO A 17 -9.18 -22.15 39.83
C PRO A 17 -9.29 -23.39 38.96
N GLU A 18 -10.46 -23.57 38.34
CA GLU A 18 -10.75 -24.79 37.60
C GLU A 18 -9.98 -24.85 36.29
N THR A 19 -9.46 -23.71 35.84
CA THR A 19 -8.65 -23.66 34.62
C THR A 19 -7.25 -23.07 34.83
N HIS A 20 -6.97 -22.57 36.03
CA HIS A 20 -5.69 -21.98 36.35
C HIS A 20 -4.53 -22.79 35.82
N LEU A 21 -4.52 -24.09 36.12
CA LEU A 21 -3.39 -24.99 35.76
C LEU A 21 -3.27 -25.25 34.26
N ASP A 22 -4.38 -25.31 33.52
CA ASP A 22 -4.24 -25.43 32.06
C ASP A 22 -3.63 -24.13 31.47
N MET A 23 -3.72 -23.02 32.18
CA MET A 23 -3.12 -21.80 31.66
C MET A 23 -1.62 -21.93 31.73
N LEU A 24 -1.14 -22.42 32.88
CA LEU A 24 0.31 -22.61 33.07
C LEU A 24 0.80 -23.66 32.08
N ARG A 25 0.07 -24.77 31.98
CA ARG A 25 0.45 -25.83 31.06
C ARG A 25 0.55 -25.29 29.66
N HIS A 26 -0.38 -24.45 29.26
CA HIS A 26 -0.38 -23.89 27.91
C HIS A 26 0.76 -22.92 27.68
N LEU A 27 1.00 -22.02 28.65
CA LEU A 27 2.11 -21.09 28.53
C LEU A 27 3.41 -21.85 28.37
N TYR A 28 3.62 -22.84 29.22
CA TYR A 28 4.98 -23.37 29.46
C TYR A 28 5.37 -24.68 28.78
N GLN A 29 4.43 -25.47 28.29
CA GLN A 29 4.81 -26.74 27.69
C GLN A 29 5.77 -26.43 26.56
N GLY A 30 6.98 -26.98 26.65
CA GLY A 30 7.98 -26.82 25.61
C GLY A 30 8.84 -25.57 25.73
N CYS A 31 8.45 -24.65 26.62
CA CYS A 31 9.19 -23.39 26.76
C CYS A 31 10.54 -23.58 27.45
N GLN A 32 11.58 -23.05 26.82
CA GLN A 32 12.92 -22.99 27.42
C GLN A 32 13.23 -21.62 28.00
N VAL A 33 12.73 -20.56 27.38
CA VAL A 33 13.07 -19.23 27.80
C VAL A 33 11.80 -18.43 28.12
N VAL A 34 11.64 -18.08 29.38
CA VAL A 34 10.52 -17.29 29.85
C VAL A 34 10.86 -15.81 29.76
N GLN A 35 10.27 -15.15 28.76
CA GLN A 35 10.42 -13.69 28.55
C GLN A 35 9.52 -12.93 29.49
N GLY A 36 9.81 -12.97 30.78
CA GLY A 36 8.94 -12.36 31.76
C GLY A 36 9.20 -12.97 33.11
N ASN A 37 8.14 -13.16 33.90
CA ASN A 37 8.25 -13.72 35.22
C ASN A 37 7.62 -15.08 35.22
N LEU A 38 8.25 -16.01 35.93
CA LEU A 38 7.70 -17.34 36.15
C LEU A 38 7.08 -17.33 37.54
N GLU A 39 5.76 -17.38 37.57
CA GLU A 39 5.00 -17.33 38.80
C GLU A 39 4.15 -18.60 38.88
N LEU A 40 4.37 -19.37 39.93
CA LEU A 40 3.65 -20.62 40.15
C LEU A 40 3.01 -20.53 41.53
N THR A 41 1.69 -20.43 41.55
CA THR A 41 0.94 -20.12 42.75
C THR A 41 -0.40 -20.83 42.81
N TYR A 42 -0.85 -21.12 44.03
CA TYR A 42 -2.18 -21.74 44.27
C TYR A 42 -2.37 -23.08 43.57
N LEU A 43 -1.31 -23.90 43.63
CA LEU A 43 -1.33 -25.23 43.01
C LEU A 43 -1.58 -26.34 44.06
N PRO A 44 -2.60 -27.18 43.83
CA PRO A 44 -2.93 -28.22 44.78
C PRO A 44 -2.00 -29.43 44.74
N THR A 45 -1.83 -30.07 45.89
CA THR A 45 -1.14 -31.35 46.08
C THR A 45 -0.96 -32.22 44.84
N ASN A 46 -2.05 -32.46 44.11
CA ASN A 46 -2.05 -33.41 42.98
C ASN A 46 -1.76 -32.78 41.60
N ALA A 47 -1.22 -31.57 41.59
CA ALA A 47 -0.96 -30.86 40.34
C ALA A 47 0.30 -31.42 39.67
N SER A 48 0.16 -31.90 38.44
CA SER A 48 1.32 -32.33 37.67
C SER A 48 1.96 -31.13 36.95
N LEU A 49 3.25 -30.92 37.20
CA LEU A 49 3.98 -29.79 36.65
C LEU A 49 5.09 -30.22 35.67
N SER A 50 4.90 -31.34 35.00
CA SER A 50 5.98 -31.82 34.16
C SER A 50 6.29 -30.84 33.03
N PHE A 51 5.31 -30.01 32.64
CA PHE A 51 5.53 -29.06 31.54
C PHE A 51 6.61 -28.02 31.83
N LEU A 52 6.97 -27.84 33.09
CA LEU A 52 8.09 -26.99 33.47
C LEU A 52 9.50 -27.58 33.22
N GLN A 53 9.59 -28.85 32.82
CA GLN A 53 10.87 -29.53 32.63
C GLN A 53 11.88 -28.77 31.78
N ASP A 54 11.44 -28.13 30.71
CA ASP A 54 12.38 -27.59 29.74
C ASP A 54 12.83 -26.14 30.01
N ILE A 55 12.41 -25.53 31.12
CA ILE A 55 12.77 -24.13 31.35
C ILE A 55 14.26 -23.99 31.73
N GLN A 56 15.03 -23.23 30.95
CA GLN A 56 16.44 -22.93 31.25
C GLN A 56 16.66 -21.55 31.81
N GLU A 57 15.95 -20.56 31.28
CA GLU A 57 16.18 -19.18 31.65
C GLU A 57 14.89 -18.49 31.97
N VAL A 58 14.95 -17.58 32.94
CA VAL A 58 13.82 -16.74 33.30
C VAL A 58 14.33 -15.32 33.31
N GLN A 59 13.86 -14.53 32.35
CA GLN A 59 14.29 -13.15 32.23
C GLN A 59 13.98 -12.29 33.46
N GLY A 60 12.82 -12.52 34.06
CA GLY A 60 12.35 -11.69 35.15
C GLY A 60 12.74 -12.24 36.49
N TYR A 61 11.74 -12.56 37.30
CA TYR A 61 11.94 -13.20 38.61
C TYR A 61 11.10 -14.46 38.67
N VAL A 62 11.39 -15.32 39.64
CA VAL A 62 10.66 -16.57 39.82
C VAL A 62 9.91 -16.50 41.15
N LEU A 63 8.59 -16.68 41.08
CA LEU A 63 7.74 -16.68 42.27
C LEU A 63 7.03 -18.01 42.43
N ILE A 64 7.17 -18.62 43.62
CA ILE A 64 6.57 -19.92 43.94
C ILE A 64 5.84 -19.76 45.25
N ALA A 65 4.52 -19.63 45.21
CA ALA A 65 3.79 -19.25 46.43
C ALA A 65 2.36 -19.80 46.57
N HIS A 66 1.97 -19.98 47.84
CA HIS A 66 0.66 -20.50 48.21
C HIS A 66 0.31 -21.81 47.49
N ASN A 67 1.29 -22.69 47.37
CA ASN A 67 1.10 -24.00 46.76
C ASN A 67 1.09 -25.13 47.78
N GLN A 68 0.21 -26.10 47.57
CA GLN A 68 0.21 -27.33 48.38
C GLN A 68 1.01 -28.45 47.70
N VAL A 69 1.34 -28.29 46.41
CA VAL A 69 2.19 -29.25 45.66
C VAL A 69 3.50 -29.53 46.40
N ARG A 70 4.08 -30.70 46.16
CA ARG A 70 5.30 -31.11 46.88
C ARG A 70 6.57 -30.95 46.08
N GLN A 71 6.45 -30.83 44.77
CA GLN A 71 7.59 -30.62 43.92
C GLN A 71 7.28 -29.70 42.74
N VAL A 72 8.22 -28.80 42.45
CA VAL A 72 8.21 -28.01 41.22
C VAL A 72 9.45 -28.42 40.43
N PRO A 73 9.29 -29.22 39.38
CA PRO A 73 10.48 -29.66 38.62
C PRO A 73 11.15 -28.56 37.76
N LEU A 74 11.94 -27.70 38.39
CA LEU A 74 12.70 -26.67 37.66
C LEU A 74 14.21 -27.00 37.60
N GLN A 75 14.52 -28.27 37.37
CA GLN A 75 15.91 -28.73 37.41
C GLN A 75 16.80 -28.20 36.24
N ARG A 76 16.21 -27.73 35.15
CA ARG A 76 17.01 -27.24 34.03
C ARG A 76 17.29 -25.73 34.09
N LEU A 77 16.75 -25.04 35.09
CA LEU A 77 16.87 -23.59 35.16
C LEU A 77 18.32 -23.22 35.45
N ARG A 78 18.99 -22.62 34.47
CA ARG A 78 20.39 -22.20 34.62
C ARG A 78 20.56 -20.78 35.20
N ILE A 79 19.61 -19.89 34.91
CA ILE A 79 19.86 -18.46 35.04
C ILE A 79 18.59 -17.63 35.15
N VAL A 80 18.45 -16.88 36.25
CA VAL A 80 17.39 -15.89 36.41
C VAL A 80 18.01 -14.50 36.22
N ARG A 81 17.46 -13.68 35.34
CA ARG A 81 18.12 -12.41 35.00
C ARG A 81 17.72 -11.25 35.90
N GLY A 82 16.49 -11.24 36.38
CA GLY A 82 16.10 -10.21 37.35
C GLY A 82 15.87 -8.86 36.71
N THR A 83 15.40 -8.89 35.46
CA THR A 83 14.99 -7.70 34.74
C THR A 83 13.91 -6.98 35.52
N GLN A 84 12.90 -7.71 35.99
CA GLN A 84 12.01 -7.22 37.04
C GLN A 84 12.32 -8.04 38.28
N LEU A 85 11.78 -7.63 39.42
CA LEU A 85 12.02 -8.33 40.67
C LEU A 85 10.78 -8.29 41.53
N PHE A 86 10.45 -9.40 42.18
CA PHE A 86 9.34 -9.42 43.12
C PHE A 86 9.62 -8.42 44.22
N GLU A 87 8.65 -7.54 44.51
CA GLU A 87 8.80 -6.47 45.50
C GLU A 87 10.06 -5.60 45.28
N ASP A 88 10.42 -5.44 44.00
CA ASP A 88 11.62 -4.69 43.61
C ASP A 88 12.84 -5.08 44.44
N ASN A 89 13.05 -6.38 44.63
CA ASN A 89 14.21 -6.84 45.38
C ASN A 89 14.66 -8.26 45.05
N TYR A 90 13.70 -9.17 44.89
CA TYR A 90 13.99 -10.60 44.77
C TYR A 90 13.82 -11.20 43.37
N ALA A 91 14.83 -11.98 42.98
CA ALA A 91 14.79 -12.77 41.74
C ALA A 91 14.10 -14.08 42.00
N LEU A 92 14.22 -14.59 43.22
CA LEU A 92 13.58 -15.83 43.61
C LEU A 92 12.80 -15.57 44.88
N ALA A 93 11.51 -15.85 44.87
CA ALA A 93 10.70 -15.70 46.05
C ALA A 93 9.88 -16.98 46.26
N VAL A 94 10.15 -17.68 47.35
CA VAL A 94 9.43 -18.89 47.71
C VAL A 94 8.71 -18.65 49.02
N LEU A 95 7.37 -18.59 48.97
CA LEU A 95 6.58 -18.05 50.08
C LEU A 95 5.37 -18.90 50.34
N ASP A 96 5.10 -19.15 51.63
CA ASP A 96 3.81 -19.67 52.07
C ASP A 96 3.37 -20.93 51.32
N ASN A 97 4.27 -21.89 51.21
CA ASN A 97 4.00 -23.13 50.48
C ASN A 97 3.77 -24.26 51.49
N GLY A 98 2.53 -24.48 51.87
CA GLY A 98 2.21 -25.42 52.95
C GLY A 98 0.83 -25.15 53.51
N ASP A 99 0.27 -26.15 54.18
CA ASP A 99 -1.15 -26.16 54.56
C ASP A 99 -1.48 -25.10 55.63
N PRO A 100 -2.67 -24.47 55.52
CA PRO A 100 -3.05 -23.40 56.45
C PRO A 100 -3.39 -23.88 57.87
N SER A 111 -0.10 -36.13 52.90
CA SER A 111 0.15 -36.27 54.33
C SER A 111 1.59 -35.92 54.63
N PRO A 112 1.87 -34.62 54.82
CA PRO A 112 1.07 -33.44 54.51
C PRO A 112 1.50 -32.87 53.16
N GLY A 113 1.14 -31.62 52.86
CA GLY A 113 1.51 -30.99 51.59
C GLY A 113 2.54 -29.89 51.72
N GLY A 114 3.00 -29.36 50.59
CA GLY A 114 3.96 -28.28 50.58
C GLY A 114 5.35 -28.65 50.08
N LEU A 115 6.07 -27.64 49.61
CA LEU A 115 7.33 -27.86 48.91
C LEU A 115 8.38 -28.53 49.86
N ARG A 116 8.96 -29.66 49.44
CA ARG A 116 9.97 -30.38 50.26
C ARG A 116 11.42 -30.04 49.90
N GLU A 117 11.69 -29.82 48.63
CA GLU A 117 13.05 -29.58 48.12
C GLU A 117 13.01 -28.67 46.88
N LEU A 118 13.79 -27.58 46.90
CA LEU A 118 13.84 -26.65 45.76
C LEU A 118 14.33 -27.28 44.46
N GLN A 119 15.33 -28.14 44.54
CA GLN A 119 15.80 -28.91 43.37
C GLN A 119 16.35 -28.09 42.22
N LEU A 120 16.75 -26.86 42.48
CA LEU A 120 17.24 -25.96 41.45
C LEU A 120 18.73 -26.23 41.12
N ARG A 121 19.07 -27.46 40.77
CA ARG A 121 20.49 -27.85 40.64
C ARG A 121 21.26 -27.27 39.46
N SER A 122 20.57 -26.72 38.48
CA SER A 122 21.25 -26.04 37.40
C SER A 122 21.32 -24.52 37.67
N LEU A 123 20.70 -24.05 38.77
CA LEU A 123 20.61 -22.62 39.03
C LEU A 123 21.94 -22.08 39.47
N THR A 124 22.66 -21.54 38.51
CA THR A 124 24.02 -21.11 38.69
C THR A 124 24.21 -19.59 38.69
N GLU A 125 23.24 -18.85 38.16
CA GLU A 125 23.40 -17.40 37.92
C GLU A 125 22.14 -16.60 38.26
N ILE A 126 22.25 -15.67 39.19
CA ILE A 126 21.22 -14.62 39.38
C ILE A 126 21.87 -13.27 39.08
N LEU A 127 21.63 -12.74 37.89
CA LEU A 127 22.27 -11.49 37.43
C LEU A 127 21.87 -10.23 38.19
N LYS A 128 20.72 -10.23 38.83
CA LYS A 128 20.21 -9.06 39.53
C LYS A 128 19.13 -9.50 40.50
N GLY A 129 19.14 -8.93 41.70
CA GLY A 129 18.17 -9.28 42.72
C GLY A 129 18.64 -10.40 43.63
N GLY A 130 17.87 -10.65 44.68
CA GLY A 130 18.19 -11.66 45.67
C GLY A 130 17.10 -12.69 45.89
N VAL A 131 17.06 -13.22 47.11
CA VAL A 131 16.30 -14.43 47.45
C VAL A 131 15.47 -14.22 48.71
N LEU A 132 14.19 -14.55 48.64
CA LEU A 132 13.28 -14.49 49.79
C LEU A 132 12.66 -15.86 49.91
N ILE A 133 12.75 -16.45 51.10
CA ILE A 133 12.17 -17.79 51.33
C ILE A 133 11.55 -17.79 52.71
N GLN A 134 10.21 -17.85 52.75
CA GLN A 134 9.48 -17.65 53.98
C GLN A 134 8.32 -18.60 54.08
N ARG A 135 8.07 -19.10 55.30
CA ARG A 135 6.86 -19.83 55.65
C ARG A 135 6.57 -21.04 54.75
N ASN A 136 7.60 -21.89 54.65
CA ASN A 136 7.56 -23.16 53.93
C ASN A 136 7.81 -24.36 54.87
N PRO A 137 6.77 -24.81 55.60
CA PRO A 137 6.84 -25.82 56.67
C PRO A 137 7.66 -27.07 56.37
N GLN A 138 7.58 -27.57 55.15
CA GLN A 138 8.18 -28.86 54.78
C GLN A 138 9.45 -28.71 53.95
N LEU A 139 9.98 -27.51 53.82
CA LEU A 139 11.14 -27.28 52.95
C LEU A 139 12.43 -27.64 53.70
N CYS A 140 13.30 -28.37 53.02
CA CYS A 140 14.63 -28.65 53.53
C CYS A 140 15.73 -28.09 52.62
N TYR A 141 16.95 -28.15 53.12
CA TYR A 141 18.17 -27.91 52.37
C TYR A 141 18.45 -26.47 51.97
N GLN A 142 17.48 -25.57 52.11
CA GLN A 142 17.64 -24.20 51.63
C GLN A 142 18.74 -23.46 52.42
N ASP A 143 18.84 -23.76 53.72
CA ASP A 143 19.88 -23.19 54.59
C ASP A 143 21.31 -23.63 54.25
N THR A 144 21.45 -24.49 53.24
CA THR A 144 22.69 -25.14 52.90
C THR A 144 23.45 -24.47 51.77
N ILE A 145 22.76 -23.63 51.02
CA ILE A 145 23.22 -23.17 49.72
C ILE A 145 24.11 -21.98 49.89
N LEU A 146 25.22 -21.94 49.16
CA LEU A 146 26.08 -20.76 49.12
C LEU A 146 25.53 -19.83 48.06
N TRP A 147 24.59 -19.00 48.49
CA TRP A 147 23.88 -18.07 47.59
C TRP A 147 24.79 -17.06 46.91
N LYS A 148 25.82 -16.59 47.62
CA LYS A 148 26.79 -15.68 47.01
C LYS A 148 27.53 -16.27 45.81
N ASP A 149 27.56 -17.60 45.66
CA ASP A 149 28.17 -18.18 44.45
C ASP A 149 27.24 -17.98 43.27
N ILE A 150 25.94 -17.99 43.53
CA ILE A 150 24.95 -17.94 42.45
C ILE A 150 24.77 -16.54 41.94
N PHE A 151 24.74 -15.58 42.87
CA PHE A 151 24.67 -14.16 42.53
C PHE A 151 25.86 -13.76 41.69
N HIS A 152 25.62 -12.97 40.64
CA HIS A 152 26.68 -12.41 39.80
C HIS A 152 27.66 -11.57 40.62
N LYS A 153 28.83 -11.29 40.05
CA LYS A 153 29.81 -10.41 40.71
C LYS A 153 29.22 -9.05 41.12
N ASN A 154 28.41 -8.44 40.24
CA ASN A 154 27.78 -7.14 40.52
C ASN A 154 26.49 -7.23 41.34
N ASN A 155 26.20 -8.40 41.90
CA ASN A 155 24.98 -8.62 42.67
C ASN A 155 25.26 -9.25 44.07
N GLN A 156 26.51 -9.17 44.51
CA GLN A 156 26.91 -9.77 45.80
C GLN A 156 26.14 -9.22 47.00
N LEU A 157 25.78 -7.93 46.96
CA LEU A 157 25.01 -7.30 48.03
C LEU A 157 23.49 -7.43 47.86
N ALA A 158 23.03 -8.39 47.04
CA ALA A 158 21.61 -8.71 46.95
C ALA A 158 21.12 -9.14 48.32
N LEU A 159 19.89 -8.79 48.67
CA LEU A 159 19.31 -9.26 49.94
C LEU A 159 19.10 -10.79 49.94
N THR A 160 19.36 -11.42 51.08
CA THR A 160 18.92 -12.80 51.27
C THR A 160 18.23 -12.92 52.63
N LEU A 161 16.92 -13.05 52.59
CA LEU A 161 16.10 -13.16 53.77
C LEU A 161 15.47 -14.55 53.80
N ILE A 162 16.08 -15.46 54.58
CA ILE A 162 15.75 -16.89 54.53
C ILE A 162 15.33 -17.48 55.89
N ASP A 163 14.11 -17.99 55.93
CA ASP A 163 13.52 -18.58 57.12
C ASP A 163 13.74 -20.10 57.07
N THR A 164 14.31 -20.67 58.13
CA THR A 164 14.54 -22.13 58.20
C THR A 164 13.62 -22.87 59.18
N ASN A 165 12.56 -22.23 59.67
CA ASN A 165 11.59 -22.92 60.50
C ASN A 165 10.94 -24.07 59.71
N ARG A 166 11.10 -25.31 60.16
CA ARG A 166 10.45 -26.47 59.53
C ARG A 166 9.64 -27.26 60.52
N SER A 167 8.81 -28.15 59.98
CA SER A 167 8.00 -29.06 60.77
C SER A 167 8.44 -30.51 60.56
N ARG A 168 9.66 -30.72 60.06
CA ARG A 168 10.22 -32.07 59.95
C ARG A 168 11.74 -32.10 59.92
N ALA A 169 12.30 -33.30 60.10
CA ALA A 169 13.74 -33.49 60.07
C ALA A 169 14.21 -33.76 58.63
N CYS A 170 15.43 -33.33 58.30
CA CYS A 170 15.97 -33.52 56.96
C CYS A 170 17.07 -34.59 56.95
N HIS A 171 16.98 -35.52 56.01
CA HIS A 171 18.11 -36.40 55.75
C HIS A 171 19.28 -35.54 55.23
N PRO A 172 20.51 -35.84 55.66
CA PRO A 172 21.61 -35.02 55.20
C PRO A 172 21.76 -35.04 53.67
N CYS A 173 22.55 -34.11 53.14
CA CYS A 173 22.85 -34.14 51.72
C CYS A 173 23.51 -35.47 51.40
N SER A 174 23.36 -35.93 50.17
CA SER A 174 23.98 -37.16 49.72
C SER A 174 25.44 -37.07 50.02
N PRO A 175 26.05 -38.18 50.45
CA PRO A 175 27.49 -38.17 50.73
C PRO A 175 28.33 -37.82 49.52
N MET A 176 27.73 -37.84 48.33
CA MET A 176 28.41 -37.33 47.14
C MET A 176 28.79 -35.86 47.24
N CYS A 177 28.08 -35.11 48.05
CA CYS A 177 28.18 -33.66 48.04
C CYS A 177 29.44 -33.15 48.73
N LYS A 178 30.39 -32.76 47.88
CA LYS A 178 31.54 -31.91 48.20
C LYS A 178 31.48 -31.24 49.59
N GLY A 179 30.78 -30.09 49.67
CA GLY A 179 30.78 -29.29 50.88
C GLY A 179 29.49 -29.43 51.65
N SER A 180 28.79 -30.53 51.41
CA SER A 180 27.47 -30.73 51.98
C SER A 180 26.54 -29.52 51.71
N ARG A 181 26.56 -29.04 50.47
CA ARG A 181 25.64 -28.00 49.96
C ARG A 181 24.71 -28.61 48.91
N CYS A 182 23.38 -28.63 49.17
CA CYS A 182 22.47 -29.27 48.23
C CYS A 182 21.03 -28.72 48.12
N TRP A 183 20.34 -29.19 47.09
CA TRP A 183 18.98 -28.76 46.73
C TRP A 183 17.96 -29.88 47.00
N GLY A 184 18.40 -30.91 47.70
CA GLY A 184 17.60 -32.14 47.79
C GLY A 184 18.47 -33.31 48.19
N GLU A 185 17.83 -34.38 48.64
CA GLU A 185 18.57 -35.49 49.24
C GLU A 185 19.27 -36.38 48.22
N SER A 186 18.89 -36.27 46.96
CA SER A 186 19.49 -37.04 45.87
C SER A 186 20.94 -36.63 45.60
N SER A 187 21.64 -37.45 44.83
CA SER A 187 23.07 -37.24 44.57
C SER A 187 23.25 -36.33 43.36
N GLU A 188 22.17 -36.03 42.66
CA GLU A 188 22.23 -35.08 41.56
C GLU A 188 21.86 -33.69 42.03
N ASP A 189 21.69 -33.52 43.35
CA ASP A 189 21.23 -32.28 43.95
C ASP A 189 22.32 -31.49 44.68
N CYS A 190 23.58 -31.87 44.52
CA CYS A 190 24.67 -31.10 45.12
C CYS A 190 24.82 -29.77 44.36
N GLN A 191 24.87 -28.65 45.10
CA GLN A 191 25.18 -27.36 44.50
C GLN A 191 26.49 -27.47 43.80
N SER A 192 26.52 -27.16 42.51
CA SER A 192 27.78 -26.98 41.81
C SER A 192 28.15 -25.49 41.91
N LEU A 193 29.39 -25.19 42.27
CA LEU A 193 29.84 -23.81 42.43
C LEU A 193 30.60 -23.38 41.19
N THR A 194 30.31 -22.17 40.69
CA THR A 194 30.92 -21.71 39.45
C THR A 194 31.63 -20.37 39.54
N ARG A 195 31.73 -19.78 40.74
CA ARG A 195 32.31 -18.44 40.88
C ARG A 195 33.34 -18.32 42.00
N THR A 196 33.00 -18.83 43.17
CA THR A 196 33.84 -18.73 44.37
C THR A 196 35.03 -19.67 44.36
N VAL A 197 35.05 -20.63 43.42
CA VAL A 197 36.03 -21.71 43.40
C VAL A 197 36.94 -21.61 42.18
N CYS A 198 37.20 -20.38 41.71
CA CYS A 198 37.84 -20.17 40.41
C CYS A 198 39.23 -19.61 40.54
N ALA A 199 40.10 -20.01 39.60
CA ALA A 199 41.48 -19.56 39.59
C ALA A 199 41.60 -18.19 38.93
N GLY A 200 42.24 -17.26 39.63
CA GLY A 200 42.43 -15.89 39.12
C GLY A 200 41.21 -15.05 39.43
N GLY A 201 41.01 -13.99 38.64
CA GLY A 201 39.84 -13.13 38.78
C GLY A 201 38.63 -13.60 37.97
N CYS A 202 38.43 -14.90 37.86
CA CYS A 202 37.44 -15.45 36.93
C CYS A 202 35.99 -15.30 37.37
N ALA A 203 35.17 -14.81 36.45
CA ALA A 203 33.76 -14.56 36.71
C ALA A 203 33.08 -15.88 36.94
N ARG A 204 33.28 -16.79 35.99
CA ARG A 204 32.70 -18.12 36.04
C ARG A 204 33.70 -19.13 35.52
N CYS A 205 33.84 -20.24 36.25
CA CYS A 205 34.68 -21.35 35.82
C CYS A 205 33.93 -22.68 35.91
N LYS A 206 34.47 -23.69 35.23
CA LYS A 206 33.95 -25.06 35.28
C LYS A 206 34.81 -25.92 36.18
N GLY A 207 35.79 -25.29 36.83
CA GLY A 207 36.74 -26.00 37.68
C GLY A 207 37.82 -25.13 38.29
N PRO A 208 38.74 -25.76 39.04
CA PRO A 208 39.72 -25.09 39.90
C PRO A 208 40.90 -24.46 39.16
N LEU A 209 41.21 -24.99 37.98
CA LEU A 209 42.30 -24.47 37.17
C LEU A 209 41.98 -23.11 36.55
N PRO A 210 43.02 -22.40 36.10
CA PRO A 210 42.82 -21.18 35.32
C PRO A 210 42.48 -21.44 33.85
N THR A 211 42.58 -22.69 33.41
CA THR A 211 42.18 -23.07 32.04
C THR A 211 40.80 -23.71 31.99
N ASP A 212 40.14 -23.81 33.14
CA ASP A 212 38.74 -24.17 33.17
C ASP A 212 37.95 -22.94 32.82
N CYS A 213 38.21 -21.88 33.59
CA CYS A 213 37.70 -20.53 33.37
C CYS A 213 36.90 -20.23 32.10
N CYS A 214 35.71 -19.69 32.27
CA CYS A 214 34.85 -19.38 31.15
C CYS A 214 35.16 -17.99 30.59
N HIS A 215 35.12 -17.90 29.27
CA HIS A 215 35.06 -16.65 28.53
C HIS A 215 34.30 -15.56 29.29
N GLU A 216 34.59 -14.28 29.01
CA GLU A 216 34.00 -13.19 29.78
C GLU A 216 32.53 -12.91 29.39
N GLN A 217 32.08 -13.48 28.26
CA GLN A 217 30.70 -13.29 27.80
C GLN A 217 29.73 -14.41 28.21
N CYS A 218 30.21 -15.45 28.87
CA CYS A 218 29.31 -16.44 29.39
C CYS A 218 28.70 -15.91 30.65
N ALA A 219 27.63 -16.56 31.11
CA ALA A 219 26.89 -16.04 32.23
C ALA A 219 26.65 -17.04 33.34
N ALA A 220 26.68 -18.34 33.10
CA ALA A 220 26.41 -19.26 34.22
C ALA A 220 27.47 -20.35 34.42
N GLY A 221 28.44 -20.39 33.54
CA GLY A 221 29.38 -21.48 33.51
C GLY A 221 29.61 -21.85 32.07
N CYS A 222 30.34 -22.93 31.87
CA CYS A 222 30.71 -23.32 30.53
C CYS A 222 31.10 -24.78 30.49
N THR A 223 31.07 -25.34 29.28
CA THR A 223 31.63 -26.65 29.00
C THR A 223 33.01 -26.51 28.33
N GLY A 224 33.64 -25.34 28.47
CA GLY A 224 34.92 -25.03 27.80
C GLY A 224 35.29 -23.55 27.89
N PRO A 225 36.41 -23.16 27.27
CA PRO A 225 36.95 -21.79 27.41
C PRO A 225 36.42 -20.77 26.38
N LYS A 226 35.77 -21.25 25.32
CA LYS A 226 35.35 -20.38 24.23
C LYS A 226 34.03 -19.64 24.51
N HIS A 227 33.72 -18.69 23.62
CA HIS A 227 32.44 -17.99 23.67
C HIS A 227 31.28 -18.81 23.07
N SER A 228 31.58 -20.02 22.58
CA SER A 228 30.56 -20.99 22.15
C SER A 228 30.35 -22.12 23.15
N ASP A 229 31.03 -22.07 24.29
CA ASP A 229 30.93 -23.13 25.30
C ASP A 229 30.16 -22.67 26.54
N CYS A 230 29.44 -21.56 26.44
CA CYS A 230 28.75 -20.99 27.61
C CYS A 230 27.50 -21.79 27.96
N LEU A 231 27.23 -21.92 29.25
CA LEU A 231 25.98 -22.48 29.72
C LEU A 231 24.85 -21.47 29.53
N ALA A 232 25.17 -20.18 29.53
CA ALA A 232 24.22 -19.09 29.24
C ALA A 232 25.00 -17.85 28.78
N CYS A 233 24.40 -17.01 27.92
CA CYS A 233 25.03 -15.74 27.49
C CYS A 233 24.71 -14.61 28.44
N LEU A 234 25.74 -13.85 28.83
CA LEU A 234 25.61 -12.71 29.75
C LEU A 234 24.92 -11.51 29.11
N HIS A 235 24.91 -11.44 27.77
CA HIS A 235 24.31 -10.33 27.05
C HIS A 235 23.51 -10.83 25.87
N PHE A 236 24.16 -11.23 24.77
CA PHE A 236 23.41 -11.71 23.62
C PHE A 236 23.94 -13.01 23.01
N ASN A 237 23.01 -13.81 22.50
CA ASN A 237 23.34 -15.05 21.82
C ASN A 237 23.28 -14.82 20.31
N HIS A 238 24.41 -14.91 19.64
CA HIS A 238 24.44 -14.63 18.19
C HIS A 238 24.71 -15.94 17.44
N SER A 239 23.63 -16.71 17.20
CA SER A 239 23.73 -18.01 16.56
C SER A 239 24.82 -18.89 17.18
N GLY A 240 24.73 -19.13 18.48
CA GLY A 240 25.68 -19.99 19.16
C GLY A 240 26.82 -19.29 19.86
N ILE A 241 27.08 -18.03 19.53
CA ILE A 241 28.18 -17.25 20.11
C ILE A 241 27.64 -16.17 21.05
N CYS A 242 28.08 -16.16 22.31
CA CYS A 242 27.74 -15.04 23.21
C CYS A 242 28.53 -13.73 22.97
N GLU A 243 27.82 -12.62 22.81
CA GLU A 243 28.40 -11.32 22.42
C GLU A 243 27.82 -10.14 23.20
N LEU A 244 28.56 -9.02 23.23
CA LEU A 244 28.21 -7.90 24.07
C LEU A 244 27.03 -7.16 23.49
N HIS A 245 26.96 -7.17 22.17
CA HIS A 245 25.85 -6.56 21.46
C HIS A 245 25.67 -7.31 20.15
N CYS A 246 24.55 -7.11 19.46
CA CYS A 246 24.29 -7.77 18.18
C CYS A 246 24.94 -6.94 17.09
N PRO A 247 25.04 -7.49 15.89
CA PRO A 247 25.52 -6.68 14.79
C PRO A 247 24.52 -5.63 14.37
N ALA A 248 24.97 -4.39 14.21
CA ALA A 248 24.11 -3.33 13.74
C ALA A 248 23.50 -3.66 12.38
N LEU A 249 22.28 -3.16 12.20
CA LEU A 249 21.56 -3.30 10.94
C LEU A 249 22.21 -2.47 9.84
N VAL A 250 22.96 -1.46 10.24
CA VAL A 250 23.59 -0.55 9.30
C VAL A 250 25.09 -0.46 9.59
N THR A 251 25.89 -0.38 8.53
CA THR A 251 27.32 -0.08 8.64
C THR A 251 27.64 1.16 7.82
N TYR A 252 28.73 1.85 8.17
CA TYR A 252 29.03 3.12 7.54
C TYR A 252 30.19 3.02 6.57
N ASN A 253 30.01 3.61 5.38
CA ASN A 253 31.08 3.67 4.39
C ASN A 253 32.30 4.33 4.98
N THR A 254 33.42 3.63 4.85
CA THR A 254 34.68 4.03 5.45
C THR A 254 35.15 5.42 5.02
N ASP A 255 34.85 5.82 3.80
CA ASP A 255 35.21 7.17 3.31
C ASP A 255 34.11 8.20 3.53
N THR A 256 32.92 7.91 3.04
CA THR A 256 31.81 8.90 2.99
C THR A 256 30.91 8.87 4.23
N PHE A 257 30.81 7.70 4.86
CA PHE A 257 29.92 7.46 6.01
C PHE A 257 28.44 7.41 5.66
N GLU A 258 28.11 7.08 4.42
CA GLU A 258 26.72 6.79 4.04
C GLU A 258 26.30 5.49 4.73
N SER A 259 25.02 5.37 5.10
CA SER A 259 24.54 4.13 5.69
C SER A 259 24.52 3.03 4.63
N MET A 260 24.98 1.84 5.03
CA MET A 260 24.93 0.65 4.18
C MET A 260 24.21 -0.47 4.93
N PRO A 261 23.15 -1.03 4.33
CA PRO A 261 22.54 -2.14 5.02
C PRO A 261 23.51 -3.31 5.23
N ASN A 262 23.85 -3.56 6.48
CA ASN A 262 24.70 -4.68 6.86
C ASN A 262 23.91 -5.98 6.71
N PRO A 263 24.37 -6.89 5.84
CA PRO A 263 23.65 -8.16 5.63
C PRO A 263 23.84 -9.20 6.75
N GLU A 264 24.77 -8.97 7.66
CA GLU A 264 24.89 -9.79 8.87
C GLU A 264 24.13 -9.14 10.02
N GLY A 265 23.18 -8.27 9.68
CA GLY A 265 22.49 -7.44 10.65
C GLY A 265 21.45 -8.22 11.42
N ARG A 266 21.25 -7.87 12.68
CA ARG A 266 20.31 -8.56 13.55
C ARG A 266 19.59 -7.63 14.48
N TYR A 267 18.38 -8.00 14.85
CA TYR A 267 17.63 -7.29 15.85
C TYR A 267 17.85 -7.94 17.21
N THR A 268 17.76 -7.14 18.27
CA THR A 268 17.87 -7.66 19.62
C THR A 268 16.49 -8.17 20.03
N PHE A 269 16.42 -9.41 20.50
CA PHE A 269 15.21 -9.92 21.12
C PHE A 269 15.58 -10.66 22.39
N GLY A 270 15.24 -10.07 23.54
CA GLY A 270 15.64 -10.56 24.84
C GLY A 270 17.14 -10.61 24.89
N ALA A 271 17.69 -11.80 25.10
CA ALA A 271 19.12 -12.01 25.08
C ALA A 271 19.53 -12.74 23.79
N SER A 272 18.88 -12.39 22.68
CA SER A 272 19.18 -13.01 21.39
C SER A 272 19.38 -12.00 20.29
N CYS A 273 20.04 -12.45 19.23
CA CYS A 273 20.14 -11.69 17.98
C CYS A 273 19.31 -12.47 16.97
N VAL A 274 18.50 -11.78 16.20
CA VAL A 274 17.49 -12.44 15.40
C VAL A 274 17.44 -11.70 14.07
N THR A 275 17.19 -12.41 12.98
CA THR A 275 17.15 -11.77 11.66
C THR A 275 15.77 -11.07 11.40
N ALA A 276 14.75 -11.45 12.16
CA ALA A 276 13.47 -10.76 12.14
C ALA A 276 12.84 -10.91 13.50
N CYS A 277 12.18 -9.85 13.97
CA CYS A 277 11.42 -9.95 15.20
C CYS A 277 10.29 -10.95 14.97
N PRO A 278 9.89 -11.68 16.02
CA PRO A 278 8.81 -12.63 15.94
C PRO A 278 7.42 -11.96 15.82
N TYR A 279 6.39 -12.79 15.73
CA TYR A 279 5.08 -12.39 15.22
C TYR A 279 4.49 -11.10 15.75
N ASN A 280 4.08 -11.07 17.01
CA ASN A 280 3.27 -9.93 17.47
C ASN A 280 4.12 -8.70 17.87
N TYR A 281 5.42 -8.72 17.58
CA TYR A 281 6.38 -7.69 18.00
C TYR A 281 6.63 -6.62 16.94
N LEU A 282 7.18 -5.50 17.39
CA LEU A 282 7.43 -4.36 16.51
C LEU A 282 8.94 -4.19 16.29
N SER A 283 9.34 -4.03 15.03
CA SER A 283 10.73 -3.71 14.70
C SER A 283 10.96 -2.21 14.79
N THR A 284 12.11 -1.81 15.33
CA THR A 284 12.48 -0.40 15.47
C THR A 284 13.69 -0.09 14.60
N ASP A 285 13.91 1.18 14.27
CA ASP A 285 15.08 1.56 13.47
C ASP A 285 16.36 1.32 14.26
N VAL A 286 16.25 1.52 15.57
CA VAL A 286 17.29 1.20 16.56
C VAL A 286 17.72 -0.30 16.62
N GLY A 287 17.03 -1.19 15.92
CA GLY A 287 17.35 -2.61 15.93
C GLY A 287 16.77 -3.42 17.09
N SER A 288 15.81 -2.87 17.81
CA SER A 288 15.11 -3.66 18.84
C SER A 288 13.84 -4.31 18.30
N CYS A 289 13.40 -5.33 19.02
CA CYS A 289 12.07 -5.88 18.91
C CYS A 289 11.34 -5.46 20.20
N THR A 290 10.36 -4.58 20.10
CA THR A 290 9.63 -4.13 21.27
C THR A 290 8.14 -4.44 21.20
N LEU A 291 7.49 -4.31 22.35
CA LEU A 291 6.04 -4.43 22.48
C LEU A 291 5.40 -3.06 22.58
N VAL A 292 6.14 -2.02 22.22
CA VAL A 292 5.64 -0.64 22.27
C VAL A 292 6.70 0.33 21.78
N CYS A 293 6.32 1.17 20.83
CA CYS A 293 7.18 2.26 20.36
C CYS A 293 7.72 3.12 21.51
N PRO A 294 9.05 3.29 21.60
CA PRO A 294 9.60 4.33 22.48
C PRO A 294 9.36 5.74 21.91
N LEU A 295 9.37 6.75 22.80
CA LEU A 295 8.71 8.06 22.59
C LEU A 295 8.93 8.71 21.22
N HIS A 296 7.97 9.55 20.84
CA HIS A 296 7.89 10.16 19.50
C HIS A 296 8.18 9.17 18.36
N ASN A 297 7.42 8.07 18.37
CA ASN A 297 7.35 7.16 17.25
C ASN A 297 5.87 6.91 16.92
N GLN A 298 5.62 6.39 15.72
CA GLN A 298 4.28 5.99 15.29
C GLN A 298 4.36 4.58 14.71
N GLU A 299 3.34 3.77 14.92
CA GLU A 299 3.34 2.42 14.38
C GLU A 299 2.93 2.50 12.94
N VAL A 300 3.63 1.76 12.09
CA VAL A 300 3.39 1.79 10.65
C VAL A 300 3.30 0.35 10.21
N THR A 301 2.28 0.05 9.41
CA THR A 301 1.92 -1.32 9.09
C THR A 301 2.21 -1.59 7.62
N ALA A 302 3.22 -2.42 7.36
CA ALA A 302 3.54 -2.82 5.98
C ALA A 302 2.39 -3.64 5.39
N GLU A 303 2.48 -3.92 4.09
CA GLU A 303 1.46 -4.72 3.40
C GLU A 303 1.50 -6.21 3.81
N ASP A 304 2.58 -6.58 4.51
CA ASP A 304 2.73 -7.90 5.11
C ASP A 304 1.90 -8.07 6.38
N GLY A 305 1.41 -6.96 6.94
CA GLY A 305 0.79 -6.95 8.27
C GLY A 305 1.86 -6.84 9.35
N THR A 306 3.05 -6.39 8.96
CA THR A 306 4.24 -6.40 9.79
C THR A 306 4.57 -4.99 10.23
N GLN A 307 4.30 -4.71 11.50
CA GLN A 307 4.35 -3.36 12.03
C GLN A 307 5.76 -2.95 12.47
N ARG A 308 6.15 -1.73 12.10
CA ARG A 308 7.44 -1.13 12.51
C ARG A 308 7.17 0.06 13.43
N CYS A 309 8.12 0.40 14.29
CA CYS A 309 8.13 1.72 14.94
C CYS A 309 9.06 2.66 14.16
N GLU A 310 8.48 3.53 13.35
CA GLU A 310 9.26 4.52 12.59
C GLU A 310 9.27 5.88 13.30
N LYS A 311 10.04 6.81 12.74
CA LYS A 311 10.27 8.12 13.34
C LYS A 311 9.11 9.08 13.10
N CYS A 312 8.85 9.93 14.08
CA CYS A 312 7.91 11.04 13.92
C CYS A 312 8.55 12.13 13.04
N SER A 313 7.94 12.41 11.90
CA SER A 313 8.42 13.41 10.92
C SER A 313 8.04 14.86 11.29
N LYS A 314 7.27 14.99 12.38
CA LYS A 314 6.81 16.27 12.90
C LYS A 314 6.45 16.02 14.38
N PRO A 315 5.83 17.00 15.07
CA PRO A 315 5.04 16.58 16.23
C PRO A 315 3.92 15.62 15.81
N CYS A 316 4.03 14.36 16.25
CA CYS A 316 3.17 13.28 15.75
C CYS A 316 1.67 13.51 15.96
N ALA A 317 0.86 12.83 15.15
CA ALA A 317 -0.59 12.96 15.25
C ALA A 317 -1.09 12.52 16.63
N ARG A 318 -2.37 12.76 16.91
CA ARG A 318 -2.99 12.30 18.15
C ARG A 318 -3.25 10.79 18.11
N VAL A 319 -3.10 10.12 19.24
CA VAL A 319 -3.50 8.72 19.35
C VAL A 319 -4.44 8.53 20.54
N CYS A 320 -5.27 7.49 20.46
CA CYS A 320 -6.06 7.07 21.58
C CYS A 320 -5.29 6.07 22.43
N TYR A 321 -4.87 6.51 23.60
CA TYR A 321 -4.28 5.61 24.55
C TYR A 321 -5.43 5.01 25.34
N GLY A 322 -5.29 3.75 25.75
CA GLY A 322 -6.25 3.13 26.64
C GLY A 322 -5.65 3.00 28.03
N LEU A 323 -6.24 2.11 28.83
CA LEU A 323 -5.75 1.93 30.18
C LEU A 323 -4.31 1.45 30.16
N GLY A 324 -3.51 1.96 31.09
CA GLY A 324 -2.12 1.55 31.25
C GLY A 324 -1.16 2.18 30.26
N MET A 325 -1.53 3.34 29.72
CA MET A 325 -0.67 4.09 28.81
C MET A 325 -0.84 5.56 29.07
N GLU A 326 0.27 6.27 28.94
CA GLU A 326 0.30 7.70 29.08
C GLU A 326 -0.61 8.17 30.19
N HIS A 327 -1.58 9.04 29.87
CA HIS A 327 -2.38 9.71 30.89
C HIS A 327 -3.30 8.77 31.63
N LEU A 328 -3.60 7.63 31.01
CA LEU A 328 -4.41 6.59 31.63
C LEU A 328 -3.56 5.47 32.22
N ARG A 329 -2.29 5.74 32.53
CA ARG A 329 -1.42 4.68 33.02
C ARG A 329 -1.89 4.06 34.35
N GLU A 330 -2.27 4.89 35.32
CA GLU A 330 -2.68 4.44 36.67
C GLU A 330 -4.20 4.24 36.80
N VAL A 331 -4.97 4.18 35.71
CA VAL A 331 -6.43 4.14 35.84
C VAL A 331 -6.94 2.71 35.73
N ARG A 332 -7.77 2.34 36.70
CA ARG A 332 -8.26 0.97 36.87
C ARG A 332 -9.28 0.55 35.82
N ALA A 333 -10.35 1.32 35.67
CA ALA A 333 -11.47 0.92 34.83
C ALA A 333 -11.91 2.02 33.87
N VAL A 334 -12.55 1.62 32.77
CA VAL A 334 -13.33 2.56 31.94
C VAL A 334 -14.55 3.04 32.73
N THR A 335 -14.72 4.35 32.84
CA THR A 335 -15.83 4.90 33.64
C THR A 335 -16.44 6.15 33.00
N SER A 336 -17.52 6.65 33.59
CA SER A 336 -18.19 7.84 33.08
C SER A 336 -17.19 8.99 33.02
N ALA A 337 -16.29 9.07 34.01
CA ALA A 337 -15.28 10.13 34.04
C ALA A 337 -14.36 10.15 32.84
N ASN A 338 -14.15 9.01 32.17
CA ASN A 338 -13.19 8.92 31.05
C ASN A 338 -13.71 8.28 29.76
N ILE A 339 -15.01 8.06 29.65
CA ILE A 339 -15.57 7.39 28.47
C ILE A 339 -15.37 8.19 27.16
N GLN A 340 -15.37 9.52 27.23
CA GLN A 340 -15.19 10.37 26.04
C GLN A 340 -13.79 10.32 25.45
N GLU A 341 -12.83 9.89 26.26
CA GLU A 341 -11.47 9.72 25.83
C GLU A 341 -11.45 8.82 24.59
N PHE A 342 -12.48 7.98 24.41
CA PHE A 342 -12.48 6.99 23.32
C PHE A 342 -13.32 7.39 22.11
N ALA A 343 -14.10 8.47 22.27
CA ALA A 343 -14.83 9.08 21.16
C ALA A 343 -14.02 9.12 19.89
N GLY A 344 -14.51 8.39 18.89
CA GLY A 344 -13.95 8.43 17.54
C GLY A 344 -12.67 7.65 17.33
N CYS A 345 -12.34 6.76 18.26
CA CYS A 345 -11.11 5.99 18.16
C CYS A 345 -11.31 4.72 17.35
N LYS A 346 -10.37 4.50 16.44
CA LYS A 346 -10.37 3.35 15.54
C LYS A 346 -9.36 2.32 15.99
N LYS A 347 -8.33 2.80 16.69
CA LYS A 347 -7.27 1.97 17.24
C LYS A 347 -6.88 2.50 18.65
N ILE A 348 -6.91 1.64 19.66
CA ILE A 348 -6.51 2.02 21.02
C ILE A 348 -5.14 1.41 21.38
N PHE A 349 -4.20 2.28 21.77
CA PHE A 349 -2.90 1.84 22.22
C PHE A 349 -3.02 1.65 23.72
N GLY A 350 -3.25 0.40 24.11
CA GLY A 350 -3.46 0.06 25.53
C GLY A 350 -4.65 -0.89 25.67
N SER A 351 -5.31 -0.82 26.82
CA SER A 351 -6.32 -1.81 27.16
C SER A 351 -7.61 -1.15 27.62
N LEU A 352 -8.64 -1.96 27.68
CA LEU A 352 -9.93 -1.55 28.17
C LEU A 352 -10.41 -2.56 29.22
N ALA A 353 -10.68 -2.10 30.44
CA ALA A 353 -11.17 -2.97 31.50
C ALA A 353 -12.48 -2.41 32.00
N PHE A 354 -13.52 -3.21 31.91
CA PHE A 354 -14.79 -2.88 32.49
C PHE A 354 -15.01 -3.73 33.74
N LEU A 355 -15.29 -3.05 34.85
CA LEU A 355 -15.44 -3.67 36.17
C LEU A 355 -16.72 -3.17 36.81
N PRO A 356 -17.21 -3.85 37.86
CA PRO A 356 -18.38 -3.33 38.56
C PRO A 356 -18.34 -1.83 38.78
N GLU A 357 -17.19 -1.29 39.19
CA GLU A 357 -17.08 0.15 39.47
C GLU A 357 -17.32 1.04 38.22
N SER A 358 -17.07 0.50 37.03
CA SER A 358 -17.40 1.19 35.79
C SER A 358 -18.82 1.71 35.86
N PHE A 359 -19.72 0.85 36.30
CA PHE A 359 -21.15 1.21 36.40
C PHE A 359 -21.48 1.74 37.82
N ASP A 360 -21.94 0.87 38.71
CA ASP A 360 -22.13 1.28 40.13
C ASP A 360 -20.98 2.17 40.65
N GLY A 361 -20.99 3.45 40.26
CA GLY A 361 -19.94 4.41 40.60
C GLY A 361 -19.03 3.95 41.73
N ASN A 366 -19.92 10.46 43.96
CA ASN A 366 -18.96 11.24 43.19
C ASN A 366 -19.00 10.85 41.73
N THR A 367 -18.23 9.83 41.33
CA THR A 367 -18.27 9.32 39.97
C THR A 367 -19.64 8.65 39.76
N ALA A 368 -20.19 8.85 38.56
CA ALA A 368 -21.58 8.50 38.24
C ALA A 368 -21.69 7.01 37.92
N PRO A 369 -22.81 6.61 37.29
CA PRO A 369 -22.83 5.38 36.57
C PRO A 369 -22.66 5.60 35.07
N LEU A 370 -21.70 4.89 34.49
CA LEU A 370 -21.61 4.78 33.06
C LEU A 370 -22.90 4.18 32.52
N GLN A 371 -23.67 4.96 31.77
CA GLN A 371 -24.92 4.48 31.19
C GLN A 371 -24.63 3.66 29.94
N PRO A 372 -25.40 2.57 29.75
CA PRO A 372 -25.19 1.65 28.65
C PRO A 372 -25.06 2.30 27.28
N GLU A 373 -25.84 3.35 27.01
CA GLU A 373 -25.82 3.94 25.66
C GLU A 373 -24.51 4.68 25.38
N GLN A 374 -23.83 5.15 26.43
CA GLN A 374 -22.54 5.82 26.27
C GLN A 374 -21.49 4.84 25.73
N LEU A 375 -21.73 3.54 25.93
CA LEU A 375 -20.84 2.51 25.43
C LEU A 375 -20.71 2.50 23.90
N GLN A 376 -21.60 3.21 23.20
CA GLN A 376 -21.53 3.25 21.75
C GLN A 376 -20.27 3.97 21.23
N VAL A 377 -19.59 4.74 22.08
CA VAL A 377 -18.34 5.37 21.65
C VAL A 377 -17.46 4.37 20.91
N PHE A 378 -17.42 3.12 21.36
CA PHE A 378 -16.56 2.09 20.76
C PHE A 378 -17.07 1.48 19.47
N GLU A 379 -18.13 2.05 18.90
CA GLU A 379 -18.70 1.49 17.67
C GLU A 379 -17.67 1.59 16.54
N THR A 380 -16.74 2.54 16.67
CA THR A 380 -15.74 2.79 15.66
C THR A 380 -14.40 2.09 15.94
N LEU A 381 -14.38 1.19 16.94
CA LEU A 381 -13.15 0.53 17.39
C LEU A 381 -12.81 -0.72 16.58
N GLU A 382 -11.64 -0.72 15.96
CA GLU A 382 -11.20 -1.85 15.14
C GLU A 382 -10.00 -2.60 15.70
N GLU A 383 -9.20 -1.95 16.53
CA GLU A 383 -8.02 -2.60 17.09
C GLU A 383 -7.73 -2.12 18.50
N ILE A 384 -7.49 -3.06 19.42
CA ILE A 384 -6.94 -2.79 20.75
C ILE A 384 -5.58 -3.45 20.81
N THR A 385 -4.54 -2.71 21.21
CA THR A 385 -3.19 -3.30 21.23
C THR A 385 -2.86 -4.01 22.54
N GLY A 386 -3.49 -3.57 23.62
CA GLY A 386 -3.39 -4.25 24.91
C GLY A 386 -4.41 -5.35 24.95
N TYR A 387 -5.12 -5.49 26.08
CA TYR A 387 -6.14 -6.53 26.29
C TYR A 387 -7.56 -5.96 26.47
N LEU A 388 -8.55 -6.88 26.58
CA LEU A 388 -9.97 -6.53 26.85
C LEU A 388 -10.47 -7.38 28.00
N TYR A 389 -10.96 -6.74 29.05
CA TYR A 389 -11.34 -7.45 30.26
C TYR A 389 -12.68 -6.94 30.72
N ILE A 390 -13.65 -7.85 30.81
CA ILE A 390 -15.00 -7.49 31.21
C ILE A 390 -15.43 -8.37 32.38
N SER A 391 -15.54 -7.74 33.53
CA SER A 391 -16.02 -8.40 34.74
C SER A 391 -17.37 -7.84 35.18
N ALA A 392 -17.87 -6.81 34.48
CA ALA A 392 -19.24 -6.30 34.67
C ALA A 392 -19.80 -5.73 33.36
N TRP A 393 -21.11 -5.75 33.17
CA TRP A 393 -21.74 -5.31 31.91
C TRP A 393 -23.25 -5.19 32.09
N PRO A 394 -23.88 -4.13 31.57
CA PRO A 394 -25.28 -3.84 31.93
C PRO A 394 -26.20 -4.99 31.59
N ASP A 395 -27.02 -5.41 32.55
CA ASP A 395 -27.96 -6.51 32.33
C ASP A 395 -28.82 -6.31 31.09
N SER A 396 -29.21 -5.06 30.83
CA SER A 396 -30.06 -4.71 29.69
C SER A 396 -29.46 -4.95 28.29
N LEU A 397 -28.17 -5.28 28.20
CA LEU A 397 -27.54 -5.56 26.91
C LEU A 397 -27.21 -7.05 26.84
N PRO A 398 -27.71 -7.75 25.82
CA PRO A 398 -27.52 -9.21 25.73
C PRO A 398 -26.21 -9.63 25.11
N ASP A 399 -25.41 -8.70 24.59
CA ASP A 399 -24.21 -9.08 23.83
C ASP A 399 -23.13 -8.01 23.91
N LEU A 400 -22.01 -8.24 23.24
CA LEU A 400 -20.92 -7.26 23.23
C LEU A 400 -20.85 -6.54 21.89
N SER A 401 -22.01 -6.16 21.34
CA SER A 401 -22.07 -5.64 19.98
C SER A 401 -21.52 -4.23 19.84
N VAL A 402 -21.42 -3.47 20.93
CA VAL A 402 -20.69 -2.20 20.85
C VAL A 402 -19.27 -2.42 20.27
N PHE A 403 -18.73 -3.63 20.40
CA PHE A 403 -17.48 -4.05 19.73
C PHE A 403 -17.71 -4.96 18.52
N GLN A 404 -18.83 -4.81 17.83
CA GLN A 404 -19.06 -5.48 16.53
C GLN A 404 -17.95 -5.30 15.50
N ASN A 405 -17.32 -4.13 15.49
CA ASN A 405 -16.30 -3.77 14.51
C ASN A 405 -14.87 -4.03 14.97
N LEU A 406 -14.69 -4.48 16.22
CA LEU A 406 -13.37 -4.82 16.74
C LEU A 406 -12.84 -5.98 15.94
N GLN A 407 -11.67 -5.79 15.35
CA GLN A 407 -11.08 -6.75 14.41
C GLN A 407 -9.92 -7.52 15.00
N VAL A 408 -9.18 -6.88 15.92
CA VAL A 408 -8.02 -7.52 16.51
C VAL A 408 -7.67 -7.03 17.92
N ILE A 409 -7.36 -7.97 18.80
CA ILE A 409 -6.73 -7.65 20.06
C ILE A 409 -5.31 -8.20 20.03
N ARG A 410 -4.32 -7.32 20.10
CA ARG A 410 -2.91 -7.72 19.98
C ARG A 410 -2.41 -8.47 21.22
N GLY A 411 -2.84 -8.02 22.39
CA GLY A 411 -2.36 -8.56 23.65
C GLY A 411 -0.87 -8.34 23.87
N ARG A 412 -0.31 -7.27 23.31
CA ARG A 412 1.06 -6.88 23.64
C ARG A 412 1.15 -6.60 25.13
N ILE A 413 -0.01 -6.34 25.75
CA ILE A 413 -0.16 -6.35 27.20
C ILE A 413 -1.35 -7.29 27.51
N LEU A 414 -1.20 -8.14 28.52
CA LEU A 414 -2.21 -9.14 28.84
C LEU A 414 -2.68 -8.98 30.29
N HIS A 415 -3.97 -9.25 30.52
CA HIS A 415 -4.45 -9.23 31.88
C HIS A 415 -3.74 -10.30 32.71
N ASN A 416 -3.22 -9.89 33.86
CA ASN A 416 -2.43 -10.73 34.73
C ASN A 416 -1.22 -11.37 34.08
N GLY A 417 -0.76 -10.77 32.99
CA GLY A 417 0.34 -11.30 32.23
C GLY A 417 -0.06 -12.41 31.32
N ALA A 418 -1.33 -12.83 31.37
CA ALA A 418 -1.75 -14.09 30.76
C ALA A 418 -2.81 -13.94 29.70
N TYR A 419 -3.89 -13.24 30.03
CA TYR A 419 -5.13 -13.29 29.21
C TYR A 419 -5.32 -12.02 28.37
N SER A 420 -5.53 -12.20 27.07
CA SER A 420 -5.78 -11.07 26.18
C SER A 420 -7.28 -10.74 26.02
N LEU A 421 -8.15 -11.74 26.22
CA LEU A 421 -9.62 -11.57 26.28
C LEU A 421 -10.15 -12.26 27.53
N THR A 422 -11.01 -11.57 28.27
CA THR A 422 -11.54 -12.07 29.54
C THR A 422 -12.94 -11.56 29.78
N LEU A 423 -13.87 -12.49 29.90
CA LEU A 423 -15.27 -12.22 30.11
C LEU A 423 -15.73 -13.10 31.25
N GLN A 424 -16.20 -12.49 32.34
CA GLN A 424 -16.60 -13.26 33.52
C GLN A 424 -17.68 -12.61 34.39
N GLY A 425 -18.67 -13.38 34.81
CA GLY A 425 -19.69 -12.89 35.73
C GLY A 425 -20.69 -11.95 35.06
N LEU A 426 -20.84 -12.09 33.74
CA LEU A 426 -21.63 -11.18 32.97
C LEU A 426 -23.06 -11.63 32.73
N GLY A 427 -23.26 -12.92 32.46
CA GLY A 427 -24.57 -13.30 31.89
C GLY A 427 -25.12 -12.26 30.88
N ILE A 428 -24.31 -11.93 29.89
CA ILE A 428 -24.80 -11.64 28.54
C ILE A 428 -25.28 -12.98 27.98
N SER A 429 -25.80 -12.98 26.76
CA SER A 429 -26.44 -14.15 26.18
C SER A 429 -25.73 -14.74 24.96
N TRP A 430 -25.01 -13.88 24.23
CA TRP A 430 -24.07 -14.32 23.19
C TRP A 430 -22.99 -13.24 23.11
N LEU A 431 -21.96 -13.43 22.28
CA LEU A 431 -20.85 -12.50 22.27
C LEU A 431 -21.07 -11.38 21.25
N GLY A 432 -21.26 -11.77 20.00
CA GLY A 432 -21.54 -10.82 18.94
C GLY A 432 -20.38 -9.96 18.53
N LEU A 433 -19.17 -10.44 18.80
CA LEU A 433 -17.94 -9.76 18.39
C LEU A 433 -17.64 -10.16 16.95
N ARG A 434 -18.58 -9.88 16.06
CA ARG A 434 -18.62 -10.53 14.75
C ARG A 434 -17.45 -10.25 13.82
N SER A 435 -16.81 -9.09 13.99
CA SER A 435 -15.62 -8.73 13.19
C SER A 435 -14.30 -9.23 13.77
N LEU A 436 -14.32 -9.86 14.95
CA LEU A 436 -13.07 -10.26 15.61
C LEU A 436 -12.40 -11.40 14.87
N ARG A 437 -11.26 -11.13 14.27
CA ARG A 437 -10.57 -12.13 13.47
C ARG A 437 -9.23 -12.61 14.09
N GLU A 438 -8.63 -11.84 15.02
CA GLU A 438 -7.32 -12.20 15.59
C GLU A 438 -7.14 -11.81 17.07
N LEU A 439 -6.74 -12.79 17.87
CA LEU A 439 -6.17 -12.55 19.19
C LEU A 439 -4.67 -12.77 19.05
N GLY A 440 -3.95 -11.67 18.82
CA GLY A 440 -2.55 -11.70 18.37
C GLY A 440 -1.63 -12.47 19.27
N SER A 441 -2.00 -12.54 20.54
CA SER A 441 -1.29 -13.30 21.55
C SER A 441 -2.11 -13.30 22.84
N GLY A 442 -1.72 -14.14 23.78
CA GLY A 442 -2.39 -14.20 25.08
C GLY A 442 -3.49 -15.22 25.01
N LEU A 443 -4.08 -15.48 26.18
CA LEU A 443 -5.14 -16.51 26.35
C LEU A 443 -6.54 -15.92 26.52
N ALA A 444 -7.54 -16.68 26.09
CA ALA A 444 -8.95 -16.28 26.19
C ALA A 444 -9.62 -17.01 27.34
N LEU A 445 -10.04 -16.27 28.37
CA LEU A 445 -10.69 -16.87 29.56
C LEU A 445 -12.15 -16.39 29.65
N ILE A 446 -13.08 -17.29 29.36
CA ILE A 446 -14.52 -16.99 29.39
C ILE A 446 -15.22 -17.93 30.37
N HIS A 447 -15.58 -17.43 31.54
CA HIS A 447 -16.19 -18.27 32.56
C HIS A 447 -17.28 -17.57 33.39
N HIS A 448 -18.19 -18.38 33.96
CA HIS A 448 -19.21 -17.90 34.91
C HIS A 448 -20.15 -16.86 34.31
N ASN A 449 -20.66 -17.21 33.12
CA ASN A 449 -21.62 -16.42 32.42
C ASN A 449 -22.88 -17.25 32.21
N THR A 450 -23.71 -17.28 33.26
CA THR A 450 -24.90 -18.14 33.30
C THR A 450 -25.67 -18.31 32.00
N HIS A 451 -25.90 -17.21 31.29
CA HIS A 451 -26.82 -17.19 30.17
C HIS A 451 -26.09 -17.19 28.85
N LEU A 452 -24.78 -17.43 28.90
CA LEU A 452 -23.92 -17.31 27.72
C LEU A 452 -23.86 -18.61 26.95
N CYS A 453 -24.54 -18.63 25.81
CA CYS A 453 -24.39 -19.66 24.80
C CYS A 453 -23.49 -19.10 23.70
N PHE A 454 -23.43 -19.80 22.58
CA PHE A 454 -22.61 -19.40 21.44
C PHE A 454 -21.11 -19.25 21.77
N VAL A 455 -20.58 -20.12 22.63
CA VAL A 455 -19.16 -20.09 22.93
C VAL A 455 -18.42 -21.04 22.02
N HIS A 456 -18.85 -22.30 21.99
CA HIS A 456 -18.20 -23.29 21.14
C HIS A 456 -18.66 -23.21 19.70
N THR A 457 -19.53 -22.25 19.45
CA THR A 457 -19.95 -21.93 18.10
C THR A 457 -18.91 -21.04 17.40
N VAL A 458 -17.98 -20.45 18.17
CA VAL A 458 -16.93 -19.59 17.64
C VAL A 458 -15.73 -20.45 17.27
N PRO A 459 -15.12 -20.21 16.09
CA PRO A 459 -13.98 -21.03 15.69
C PRO A 459 -12.70 -20.46 16.30
N TRP A 460 -12.52 -20.70 17.59
CA TRP A 460 -11.49 -20.00 18.34
C TRP A 460 -10.12 -20.02 17.70
N ASP A 461 -9.63 -21.20 17.32
CA ASP A 461 -8.24 -21.28 16.86
C ASP A 461 -7.98 -20.70 15.46
N GLN A 462 -9.04 -20.24 14.78
CA GLN A 462 -8.84 -19.38 13.61
C GLN A 462 -8.41 -18.00 14.04
N LEU A 463 -8.68 -17.63 15.28
CA LEU A 463 -8.31 -16.31 15.82
C LEU A 463 -6.92 -16.30 16.49
N PHE A 464 -6.50 -17.44 17.03
CA PHE A 464 -5.20 -17.54 17.72
C PHE A 464 -4.06 -17.52 16.74
N ARG A 465 -2.87 -17.19 17.23
CA ARG A 465 -1.70 -17.03 16.38
C ARG A 465 -0.47 -17.85 16.79
N ASN A 466 -0.36 -18.25 18.05
CA ASN A 466 0.67 -19.20 18.46
C ASN A 466 0.11 -20.34 19.32
N PRO A 467 0.79 -21.50 19.33
CA PRO A 467 0.36 -22.67 20.12
C PRO A 467 0.28 -22.51 21.65
N HIS A 468 0.83 -21.45 22.22
CA HIS A 468 0.66 -21.21 23.66
C HIS A 468 -0.69 -20.58 24.00
N GLN A 469 -1.58 -20.50 23.02
CA GLN A 469 -2.89 -19.87 23.19
C GLN A 469 -4.02 -20.90 23.13
N ALA A 470 -5.05 -20.65 23.91
CA ALA A 470 -6.21 -21.52 23.99
C ALA A 470 -7.38 -20.77 24.64
N LEU A 471 -8.57 -21.34 24.54
CA LEU A 471 -9.72 -20.82 25.25
C LEU A 471 -9.85 -21.60 26.56
N LEU A 472 -9.90 -20.89 27.68
CA LEU A 472 -10.28 -21.51 28.94
C LEU A 472 -11.70 -21.06 29.27
N HIS A 473 -12.57 -22.03 29.46
CA HIS A 473 -13.98 -21.79 29.62
C HIS A 473 -14.61 -22.77 30.56
N THR A 474 -15.38 -22.26 31.50
CA THR A 474 -16.12 -23.09 32.43
C THR A 474 -17.28 -22.29 33.01
N ALA A 475 -18.34 -22.99 33.39
CA ALA A 475 -19.47 -22.42 34.12
C ALA A 475 -20.22 -21.39 33.31
N ASN A 476 -20.26 -21.51 31.99
CA ASN A 476 -21.19 -20.71 31.20
C ASN A 476 -22.47 -21.52 31.06
N ARG A 477 -23.41 -21.05 30.25
CA ARG A 477 -24.63 -21.81 30.07
C ARG A 477 -24.27 -23.15 29.46
N PRO A 478 -24.89 -24.24 29.92
CA PRO A 478 -24.54 -25.57 29.39
C PRO A 478 -25.09 -25.80 28.00
N GLU A 479 -24.30 -26.49 27.16
CA GLU A 479 -24.56 -26.62 25.71
C GLU A 479 -25.88 -27.31 25.37
N ASP A 480 -26.24 -28.35 26.11
CA ASP A 480 -27.53 -29.01 25.90
C ASP A 480 -28.69 -28.02 26.05
N GLU A 481 -28.55 -27.09 27.00
CA GLU A 481 -29.54 -26.02 27.22
C GLU A 481 -29.56 -25.00 26.09
N CYS A 482 -28.45 -24.86 25.37
CA CYS A 482 -28.44 -23.98 24.22
C CYS A 482 -29.13 -24.66 23.04
N VAL A 483 -28.78 -25.92 22.79
CA VAL A 483 -29.36 -26.67 21.67
C VAL A 483 -30.86 -26.92 21.92
N GLY A 484 -31.23 -27.14 23.17
CA GLY A 484 -32.62 -27.36 23.55
C GLY A 484 -33.51 -26.14 23.53
N GLU A 485 -33.01 -25.02 23.01
CA GLU A 485 -33.84 -23.85 22.74
C GLU A 485 -33.66 -23.35 21.31
N GLY A 486 -33.05 -24.20 20.49
CA GLY A 486 -32.75 -23.86 19.11
C GLY A 486 -31.77 -22.72 18.99
N LEU A 487 -30.94 -22.54 20.02
CA LEU A 487 -29.89 -21.54 20.00
C LEU A 487 -28.66 -22.18 19.33
N ALA A 488 -28.61 -22.04 18.02
CA ALA A 488 -27.54 -22.58 17.22
C ALA A 488 -27.30 -21.62 16.08
N CYS A 489 -26.23 -21.83 15.33
CA CYS A 489 -25.93 -20.95 14.23
C CYS A 489 -27.03 -21.06 13.21
N HIS A 490 -27.51 -19.90 12.77
CA HIS A 490 -28.36 -19.81 11.63
C HIS A 490 -27.79 -20.66 10.52
N GLN A 491 -28.67 -21.30 9.74
CA GLN A 491 -28.24 -22.28 8.74
C GLN A 491 -27.52 -21.66 7.53
N LEU A 492 -27.60 -20.35 7.37
CA LEU A 492 -26.85 -19.66 6.31
C LEU A 492 -25.34 -19.47 6.61
N CYS A 493 -24.94 -19.55 7.88
CA CYS A 493 -23.53 -19.42 8.24
C CYS A 493 -22.74 -20.64 7.76
N ALA A 494 -21.67 -20.40 7.01
CA ALA A 494 -20.73 -21.46 6.64
C ALA A 494 -20.16 -22.21 7.87
N ARG A 495 -19.87 -23.49 7.68
CA ARG A 495 -19.11 -24.28 8.66
C ARG A 495 -19.75 -24.42 10.04
N GLY A 496 -20.90 -23.79 10.27
CA GLY A 496 -21.51 -23.76 11.60
C GLY A 496 -20.73 -22.90 12.59
N HIS A 497 -20.18 -21.78 12.12
CA HIS A 497 -19.41 -20.87 12.97
C HIS A 497 -20.09 -19.50 13.03
N CYS A 498 -20.41 -19.04 14.24
CA CYS A 498 -21.08 -17.77 14.43
C CYS A 498 -20.89 -17.26 15.86
N TRP A 499 -21.23 -15.98 16.08
CA TRP A 499 -21.00 -15.31 17.37
C TRP A 499 -22.28 -15.12 18.18
N GLY A 500 -23.41 -15.49 17.57
CA GLY A 500 -24.73 -15.32 18.18
C GLY A 500 -25.82 -15.84 17.27
N PRO A 501 -27.08 -15.60 17.64
CA PRO A 501 -28.21 -16.05 16.86
C PRO A 501 -28.47 -15.18 15.66
N GLY A 502 -29.10 -15.74 14.64
CA GLY A 502 -29.60 -14.98 13.50
C GLY A 502 -28.59 -14.92 12.38
N PRO A 503 -29.00 -14.35 11.23
CA PRO A 503 -28.16 -14.32 10.01
C PRO A 503 -27.11 -13.20 9.94
N THR A 504 -27.14 -12.23 10.84
CA THR A 504 -26.07 -11.24 10.87
C THR A 504 -24.80 -11.76 11.57
N GLN A 505 -24.98 -12.63 12.55
CA GLN A 505 -23.89 -13.15 13.39
C GLN A 505 -22.98 -14.23 12.79
N CYS A 506 -23.01 -14.46 11.48
CA CYS A 506 -22.18 -15.51 10.89
C CYS A 506 -20.74 -15.09 10.75
N VAL A 507 -19.83 -16.06 10.74
CA VAL A 507 -18.43 -15.79 10.38
C VAL A 507 -18.34 -15.56 8.85
N ASN A 508 -18.93 -16.45 8.06
CA ASN A 508 -19.04 -16.27 6.60
C ASN A 508 -20.41 -16.75 6.07
N CYS A 509 -21.10 -15.95 5.26
CA CYS A 509 -22.34 -16.43 4.63
C CYS A 509 -22.00 -17.50 3.60
N SER A 510 -22.80 -18.55 3.60
CA SER A 510 -22.67 -19.58 2.58
C SER A 510 -23.05 -18.96 1.24
N GLN A 511 -24.13 -18.19 1.23
CA GLN A 511 -24.67 -17.63 -0.01
C GLN A 511 -24.28 -16.16 -0.18
N PHE A 512 -25.18 -15.24 0.15
CA PHE A 512 -24.97 -13.83 -0.15
C PHE A 512 -25.10 -12.99 1.11
N LEU A 513 -24.74 -11.72 0.97
CA LEU A 513 -24.77 -10.76 2.05
C LEU A 513 -25.49 -9.50 1.58
N ARG A 514 -26.51 -9.07 2.33
CA ARG A 514 -27.16 -7.79 2.09
C ARG A 514 -26.99 -7.01 3.38
N GLY A 515 -26.17 -5.97 3.32
CA GLY A 515 -25.72 -5.26 4.52
C GLY A 515 -24.91 -6.23 5.37
N GLN A 516 -25.37 -6.44 6.60
CA GLN A 516 -24.76 -7.43 7.47
C GLN A 516 -25.55 -8.75 7.50
N GLU A 517 -26.69 -8.80 6.79
CA GLU A 517 -27.59 -9.95 6.82
C GLU A 517 -27.17 -10.98 5.78
N CYS A 518 -27.05 -12.25 6.20
CA CYS A 518 -26.90 -13.35 5.25
C CYS A 518 -28.26 -13.71 4.71
N VAL A 519 -28.30 -13.95 3.40
CA VAL A 519 -29.55 -14.25 2.70
C VAL A 519 -29.33 -15.28 1.59
N GLU A 520 -30.39 -15.96 1.19
CA GLU A 520 -30.33 -17.02 0.17
C GLU A 520 -30.14 -16.47 -1.26
N GLU A 521 -30.73 -15.31 -1.52
CA GLU A 521 -30.90 -14.80 -2.88
C GLU A 521 -31.03 -13.28 -2.89
N CYS A 522 -30.22 -12.61 -3.69
CA CYS A 522 -30.44 -11.18 -3.91
C CYS A 522 -31.63 -11.02 -4.84
N ARG A 523 -32.06 -9.78 -5.05
CA ARG A 523 -33.25 -9.52 -5.82
C ARG A 523 -32.90 -9.17 -7.26
N VAL A 524 -32.40 -10.16 -7.96
CA VAL A 524 -31.99 -10.00 -9.35
C VAL A 524 -33.20 -10.24 -10.26
N LEU A 525 -34.06 -11.19 -9.89
CA LEU A 525 -35.26 -11.51 -10.67
C LEU A 525 -36.58 -11.12 -9.98
N GLN A 526 -36.70 -11.43 -8.68
CA GLN A 526 -37.92 -11.15 -7.91
C GLN A 526 -37.56 -10.26 -6.73
N GLY A 527 -38.32 -9.19 -6.48
CA GLY A 527 -38.00 -8.31 -5.36
C GLY A 527 -38.52 -6.88 -5.37
N LEU A 528 -38.82 -6.35 -4.19
CA LEU A 528 -39.51 -5.06 -4.06
C LEU A 528 -38.61 -3.92 -4.57
N PRO A 529 -37.38 -3.76 -4.01
CA PRO A 529 -36.32 -2.98 -4.68
C PRO A 529 -35.29 -3.90 -5.36
N ARG A 530 -35.21 -3.84 -6.69
CA ARG A 530 -34.37 -4.78 -7.45
C ARG A 530 -32.88 -4.54 -7.23
N GLU A 531 -32.08 -5.59 -7.35
CA GLU A 531 -30.64 -5.56 -7.01
C GLU A 531 -29.76 -6.25 -8.04
N TYR A 532 -28.48 -5.88 -8.04
CA TYR A 532 -27.45 -6.60 -8.76
C TYR A 532 -26.52 -7.23 -7.74
N VAL A 533 -25.55 -8.02 -8.22
CA VAL A 533 -24.61 -8.72 -7.34
C VAL A 533 -23.16 -8.25 -7.56
N ASN A 534 -22.39 -8.26 -6.48
CA ASN A 534 -21.01 -7.82 -6.52
C ASN A 534 -20.22 -8.46 -5.39
N ALA A 535 -19.47 -9.52 -5.70
CA ALA A 535 -18.72 -10.26 -4.70
C ALA A 535 -19.68 -10.82 -3.65
N ARG A 536 -20.66 -11.59 -4.11
CA ARG A 536 -21.69 -12.18 -3.24
C ARG A 536 -22.38 -11.16 -2.30
N HIS A 537 -22.47 -9.90 -2.74
CA HIS A 537 -23.23 -8.85 -2.05
C HIS A 537 -24.49 -8.54 -2.84
N CYS A 538 -25.55 -8.19 -2.14
CA CYS A 538 -26.76 -7.71 -2.79
C CYS A 538 -26.73 -6.19 -2.70
N LEU A 539 -26.75 -5.51 -3.85
CA LEU A 539 -26.69 -4.04 -3.88
C LEU A 539 -27.80 -3.47 -4.78
N PRO A 540 -28.26 -2.24 -4.49
CA PRO A 540 -29.46 -1.69 -5.14
C PRO A 540 -29.28 -1.20 -6.58
N CYS A 541 -30.22 -1.52 -7.44
CA CYS A 541 -30.30 -0.85 -8.74
C CYS A 541 -30.77 0.57 -8.49
N HIS A 542 -30.36 1.49 -9.35
CA HIS A 542 -30.84 2.87 -9.30
C HIS A 542 -32.37 2.84 -9.31
N PRO A 543 -33.01 3.70 -8.50
CA PRO A 543 -34.46 3.92 -8.56
C PRO A 543 -35.05 4.03 -9.96
N GLU A 544 -34.39 4.75 -10.86
CA GLU A 544 -34.91 5.02 -12.22
C GLU A 544 -34.86 3.83 -13.19
N CYS A 545 -34.38 2.67 -12.74
CA CYS A 545 -34.47 1.44 -13.52
C CYS A 545 -35.87 0.84 -13.41
N GLN A 546 -36.49 0.53 -14.56
CA GLN A 546 -37.74 -0.20 -14.56
C GLN A 546 -37.44 -1.68 -14.26
N PRO A 547 -37.99 -2.21 -13.14
CA PRO A 547 -37.84 -3.64 -12.86
C PRO A 547 -38.31 -4.47 -14.04
N GLN A 548 -37.53 -5.47 -14.45
CA GLN A 548 -37.89 -6.30 -15.60
C GLN A 548 -38.42 -7.66 -15.16
N ASN A 549 -39.62 -8.02 -15.62
CA ASN A 549 -40.15 -9.36 -15.40
C ASN A 549 -39.39 -10.33 -16.32
N GLY A 550 -38.82 -11.39 -15.75
CA GLY A 550 -38.12 -12.41 -16.54
C GLY A 550 -36.78 -11.98 -17.12
N SER A 551 -36.01 -11.24 -16.34
CA SER A 551 -34.67 -10.78 -16.74
C SER A 551 -34.00 -9.96 -15.64
N VAL A 552 -32.72 -9.68 -15.83
CA VAL A 552 -31.98 -8.83 -14.89
C VAL A 552 -32.39 -7.37 -15.10
N THR A 553 -32.54 -6.65 -14.01
CA THR A 553 -33.06 -5.29 -14.05
C THR A 553 -31.94 -4.29 -14.25
N CYS A 554 -30.74 -4.62 -13.79
CA CYS A 554 -29.62 -3.68 -13.87
C CYS A 554 -28.27 -4.35 -13.77
N PHE A 555 -27.25 -3.65 -14.28
CA PHE A 555 -25.88 -4.16 -14.28
C PHE A 555 -24.99 -3.46 -13.26
N GLY A 556 -25.55 -2.51 -12.51
CA GLY A 556 -24.79 -1.80 -11.51
C GLY A 556 -25.52 -0.64 -10.88
N PRO A 557 -24.85 0.07 -9.97
CA PRO A 557 -25.52 1.10 -9.16
C PRO A 557 -25.96 2.35 -9.92
N GLU A 558 -25.19 2.75 -10.93
CA GLU A 558 -25.39 4.06 -11.55
C GLU A 558 -26.64 4.07 -12.43
N ALA A 559 -27.27 5.25 -12.53
CA ALA A 559 -28.51 5.42 -13.29
C ALA A 559 -28.40 5.10 -14.78
N ASP A 560 -27.19 4.88 -15.28
CA ASP A 560 -26.99 4.49 -16.68
C ASP A 560 -26.62 3.01 -16.84
N GLN A 561 -26.98 2.20 -15.84
CA GLN A 561 -26.80 0.75 -15.92
C GLN A 561 -28.14 0.02 -15.79
N CYS A 562 -29.19 0.65 -16.30
CA CYS A 562 -30.51 0.03 -16.36
C CYS A 562 -30.67 -0.69 -17.70
N VAL A 563 -31.44 -1.78 -17.68
CA VAL A 563 -31.92 -2.42 -18.90
C VAL A 563 -32.92 -1.51 -19.62
N ALA A 564 -33.72 -0.78 -18.87
CA ALA A 564 -34.69 0.16 -19.42
C ALA A 564 -35.09 1.17 -18.34
N CYS A 565 -35.48 2.36 -18.77
CA CYS A 565 -35.80 3.44 -17.83
C CYS A 565 -37.21 3.39 -17.28
N ALA A 566 -37.33 3.76 -16.01
CA ALA A 566 -38.61 3.81 -15.32
C ALA A 566 -39.45 4.97 -15.82
N HIS A 567 -38.79 6.10 -16.08
CA HIS A 567 -39.46 7.33 -16.45
C HIS A 567 -38.87 7.86 -17.77
N TYR A 568 -38.00 8.87 -17.70
CA TYR A 568 -37.38 9.45 -18.90
C TYR A 568 -35.90 9.05 -19.00
N LYS A 569 -35.29 9.39 -20.13
CA LYS A 569 -33.86 9.20 -20.33
C LYS A 569 -33.20 10.51 -20.75
N ASP A 570 -32.10 10.86 -20.08
CA ASP A 570 -31.16 11.84 -20.60
C ASP A 570 -29.85 11.10 -20.85
N PRO A 571 -29.70 10.53 -22.07
CA PRO A 571 -28.63 9.60 -22.35
C PRO A 571 -27.27 10.09 -21.84
N PRO A 572 -26.53 9.21 -21.14
CA PRO A 572 -26.75 7.78 -20.97
C PRO A 572 -27.65 7.40 -19.80
N PHE A 573 -28.09 8.38 -19.01
CA PHE A 573 -28.78 8.14 -17.73
C PHE A 573 -30.31 8.15 -17.80
N CYS A 574 -30.96 7.16 -17.17
CA CYS A 574 -32.40 7.27 -16.85
C CYS A 574 -32.56 8.34 -15.78
N VAL A 575 -33.49 9.25 -16.00
CA VAL A 575 -33.65 10.38 -15.09
C VAL A 575 -35.12 10.56 -14.69
N ALA A 576 -35.32 11.16 -13.52
CA ALA A 576 -36.64 11.35 -12.90
C ALA A 576 -37.46 12.40 -13.63
N ARG A 577 -36.77 13.44 -14.12
CA ARG A 577 -37.35 14.44 -15.00
C ARG A 577 -36.24 15.20 -15.72
N CYS A 578 -36.54 15.68 -16.91
CA CYS A 578 -35.55 16.42 -17.69
C CYS A 578 -35.20 17.70 -16.94
N PRO A 579 -33.91 18.09 -16.95
CA PRO A 579 -33.45 19.22 -16.13
C PRO A 579 -33.82 20.60 -16.70
N SER A 580 -34.09 21.55 -15.81
CA SER A 580 -34.65 22.85 -16.16
C SER A 580 -33.59 23.79 -16.73
N ILE A 591 -29.77 25.96 -20.15
CA ILE A 591 -29.55 24.55 -19.88
C ILE A 591 -30.90 23.86 -19.65
N TRP A 592 -31.72 23.88 -20.70
CA TRP A 592 -33.16 23.59 -20.66
C TRP A 592 -33.57 22.42 -21.57
N LYS A 593 -34.17 21.38 -20.98
CA LYS A 593 -34.59 20.19 -21.73
C LYS A 593 -36.05 19.84 -21.51
N PHE A 594 -36.57 18.96 -22.36
CA PHE A 594 -37.96 18.51 -22.30
C PHE A 594 -38.07 17.09 -22.85
N PRO A 595 -39.09 16.34 -22.40
CA PRO A 595 -39.27 14.96 -22.86
C PRO A 595 -39.87 14.89 -24.25
N ASP A 596 -39.25 14.10 -25.14
CA ASP A 596 -39.75 13.96 -26.51
C ASP A 596 -40.70 12.77 -26.65
N GLU A 597 -40.90 12.33 -27.89
CA GLU A 597 -41.72 11.16 -28.22
C GLU A 597 -41.33 9.92 -27.39
N GLU A 598 -40.10 9.43 -27.62
CA GLU A 598 -39.66 8.15 -27.05
C GLU A 598 -39.03 8.30 -25.65
N GLY A 599 -39.53 9.24 -24.86
CA GLY A 599 -39.05 9.46 -23.51
C GLY A 599 -37.68 10.11 -23.36
N ALA A 600 -37.05 10.50 -24.47
CA ALA A 600 -35.70 11.06 -24.42
C ALA A 600 -35.72 12.57 -24.18
N CYS A 601 -34.88 13.04 -23.24
CA CYS A 601 -34.83 14.46 -22.88
C CYS A 601 -34.21 15.30 -23.98
N GLN A 602 -35.03 15.80 -24.90
CA GLN A 602 -34.59 16.72 -25.95
C GLN A 602 -34.49 18.14 -25.42
N PRO A 603 -33.61 18.96 -26.02
CA PRO A 603 -33.45 20.36 -25.60
C PRO A 603 -34.49 21.29 -26.22
N CYS A 604 -34.93 22.27 -25.43
CA CYS A 604 -35.87 23.29 -25.93
C CYS A 604 -35.21 24.10 -27.03
N PRO A 605 -35.99 24.56 -28.01
CA PRO A 605 -35.42 25.22 -29.18
C PRO A 605 -34.96 26.65 -28.92
N ILE A 606 -35.55 27.30 -27.91
CA ILE A 606 -35.24 28.70 -27.58
C ILE A 606 -34.92 28.85 -26.09
N ASN A 607 -33.83 29.58 -25.80
CA ASN A 607 -33.46 29.92 -24.42
C ASN A 607 -33.83 31.36 -24.09
N GLU B 4 -12.03 31.22 -14.60
CA GLU B 4 -11.62 30.36 -15.76
C GLU B 4 -11.79 28.88 -15.38
N VAL B 5 -11.40 27.97 -16.28
CA VAL B 5 -11.51 26.53 -16.03
C VAL B 5 -10.38 25.73 -16.70
N GLN B 6 -9.81 24.76 -15.99
CA GLN B 6 -8.77 23.88 -16.56
C GLN B 6 -8.53 22.59 -15.77
N LEU B 7 -7.70 21.72 -16.36
CA LEU B 7 -7.22 20.50 -15.72
C LEU B 7 -5.73 20.34 -16.04
N VAL B 8 -4.99 19.69 -15.14
CA VAL B 8 -3.56 19.45 -15.37
C VAL B 8 -3.12 18.03 -14.99
N GLU B 9 -2.80 17.23 -16.01
CA GLU B 9 -2.23 15.89 -15.82
C GLU B 9 -0.80 16.00 -15.33
N SER B 10 -0.40 15.06 -14.48
CA SER B 10 0.94 15.05 -13.92
C SER B 10 1.33 13.66 -13.41
N GLY B 11 2.59 13.50 -13.05
CA GLY B 11 3.08 12.27 -12.45
C GLY B 11 3.25 11.11 -13.42
N GLY B 12 3.42 11.43 -14.71
CA GLY B 12 3.59 10.42 -15.75
C GLY B 12 4.91 10.57 -16.48
N GLY B 13 5.51 9.44 -16.86
CA GLY B 13 6.77 9.47 -17.61
C GLY B 13 7.23 8.11 -18.11
N LEU B 14 8.13 7.49 -17.35
CA LEU B 14 8.79 6.26 -17.78
C LEU B 14 8.64 5.16 -16.74
N VAL B 15 8.34 3.94 -17.20
CA VAL B 15 8.17 2.79 -16.33
C VAL B 15 8.59 1.52 -17.05
N GLN B 16 9.03 0.52 -16.28
CA GLN B 16 9.42 -0.78 -16.83
C GLN B 16 8.17 -1.62 -17.09
N PRO B 17 8.28 -2.59 -18.03
CA PRO B 17 7.20 -3.57 -18.23
C PRO B 17 6.79 -4.26 -16.93
N GLY B 18 5.49 -4.39 -16.69
CA GLY B 18 4.98 -4.93 -15.43
C GLY B 18 5.09 -4.00 -14.24
N GLY B 19 5.34 -2.71 -14.49
CA GLY B 19 5.51 -1.71 -13.42
C GLY B 19 4.23 -1.01 -13.00
N SER B 20 4.38 0.05 -12.22
CA SER B 20 3.26 0.81 -11.67
C SER B 20 3.58 2.30 -11.62
N LEU B 21 2.54 3.12 -11.79
CA LEU B 21 2.69 4.57 -11.80
C LEU B 21 1.35 5.20 -11.40
N ARG B 22 1.38 6.44 -10.91
CA ARG B 22 0.16 7.11 -10.47
C ARG B 22 -0.04 8.48 -11.14
N LEU B 23 -0.92 8.50 -12.14
CA LEU B 23 -1.28 9.75 -12.79
C LEU B 23 -2.21 10.55 -11.88
N SER B 24 -1.98 11.86 -11.83
CA SER B 24 -2.78 12.77 -11.02
C SER B 24 -3.38 13.82 -11.95
N CYS B 25 -4.65 14.14 -11.78
CA CYS B 25 -5.34 15.11 -12.64
C CYS B 25 -5.91 16.23 -11.78
N ALA B 26 -5.21 17.37 -11.79
CA ALA B 26 -5.55 18.52 -10.92
C ALA B 26 -6.62 19.38 -11.58
N ALA B 27 -7.84 19.29 -11.04
CA ALA B 27 -8.96 20.12 -11.49
C ALA B 27 -8.80 21.51 -10.90
N SER B 28 -9.52 22.46 -11.49
CA SER B 28 -9.38 23.87 -11.14
C SER B 28 -10.42 24.71 -11.88
N GLY B 29 -11.03 25.65 -11.18
CA GLY B 29 -12.04 26.52 -11.77
C GLY B 29 -13.46 25.98 -11.71
N PHE B 30 -13.60 24.78 -11.15
CA PHE B 30 -14.91 24.19 -10.86
C PHE B 30 -14.70 23.06 -9.87
N ASN B 31 -15.75 22.67 -9.16
CA ASN B 31 -15.66 21.58 -8.21
C ASN B 31 -16.16 20.29 -8.84
N ILE B 32 -15.36 19.23 -8.72
CA ILE B 32 -15.64 17.97 -9.41
C ILE B 32 -16.74 17.12 -8.77
N LYS B 33 -17.29 17.57 -7.64
CA LYS B 33 -18.47 16.90 -7.09
C LYS B 33 -19.66 17.08 -8.05
N ASP B 34 -19.67 18.20 -8.77
CA ASP B 34 -20.78 18.53 -9.69
C ASP B 34 -20.77 17.76 -11.02
N THR B 35 -19.75 16.93 -11.29
CA THR B 35 -19.69 16.22 -12.57
C THR B 35 -18.75 15.00 -12.61
N TYR B 36 -18.75 14.31 -13.75
CA TYR B 36 -17.93 13.11 -13.94
C TYR B 36 -16.56 13.49 -14.50
N ILE B 37 -15.54 12.69 -14.17
CA ILE B 37 -14.17 12.92 -14.62
C ILE B 37 -13.67 11.69 -15.39
N HIS B 38 -13.10 11.94 -16.56
CA HIS B 38 -12.72 10.88 -17.50
C HIS B 38 -11.22 10.84 -17.75
N TRP B 39 -10.69 9.64 -17.95
CA TRP B 39 -9.36 9.47 -18.50
C TRP B 39 -9.49 8.90 -19.91
N VAL B 40 -9.02 9.67 -20.89
CA VAL B 40 -8.92 9.22 -22.26
C VAL B 40 -7.44 9.19 -22.61
N ARG B 41 -7.00 8.11 -23.26
CA ARG B 41 -5.60 7.96 -23.66
C ARG B 41 -5.49 7.83 -25.17
N GLN B 42 -4.30 8.17 -25.69
CA GLN B 42 -4.02 8.09 -27.13
C GLN B 42 -2.63 7.51 -27.36
N ALA B 43 -2.57 6.34 -27.97
CA ALA B 43 -1.31 5.74 -28.39
C ALA B 43 -0.71 6.60 -29.51
N PRO B 44 0.60 6.49 -29.74
CA PRO B 44 1.26 7.36 -30.72
C PRO B 44 0.77 7.12 -32.15
N GLY B 45 0.11 8.13 -32.72
CA GLY B 45 -0.43 8.04 -34.07
C GLY B 45 -1.58 7.06 -34.19
N LYS B 46 -2.36 6.93 -33.12
CA LYS B 46 -3.59 6.12 -33.12
C LYS B 46 -4.70 6.99 -32.54
N GLY B 47 -5.92 6.46 -32.51
CA GLY B 47 -7.10 7.23 -32.08
C GLY B 47 -7.22 7.43 -30.58
N LEU B 48 -8.31 8.07 -30.17
CA LEU B 48 -8.63 8.29 -28.76
C LEU B 48 -9.30 7.06 -28.19
N GLU B 49 -8.79 6.56 -27.07
CA GLU B 49 -9.41 5.45 -26.34
C GLU B 49 -9.84 5.91 -24.95
N TRP B 50 -11.16 5.91 -24.73
CA TRP B 50 -11.71 6.17 -23.40
C TRP B 50 -11.27 5.04 -22.48
N VAL B 51 -10.80 5.39 -21.28
CA VAL B 51 -10.28 4.40 -20.34
C VAL B 51 -11.11 4.25 -19.06
N ALA B 52 -11.50 5.35 -18.43
CA ALA B 52 -12.20 5.26 -17.15
C ALA B 52 -13.06 6.47 -16.79
N ARG B 53 -14.07 6.24 -15.96
CA ARG B 53 -14.91 7.31 -15.42
C ARG B 53 -15.03 7.20 -13.92
N ILE B 54 -15.32 8.31 -13.26
CA ILE B 54 -15.66 8.29 -11.86
C ILE B 54 -16.65 9.39 -11.56
N TYR B 55 -17.61 9.09 -10.68
CA TYR B 55 -18.49 10.12 -10.12
C TYR B 55 -18.02 10.37 -8.69
N PRO B 56 -17.24 11.44 -8.47
CA PRO B 56 -16.59 11.66 -7.18
C PRO B 56 -17.51 11.64 -5.95
N THR B 57 -18.70 12.21 -6.07
CA THR B 57 -19.67 12.29 -4.96
C THR B 57 -19.85 10.96 -4.24
N ASN B 58 -20.02 9.88 -5.00
CA ASN B 58 -20.21 8.54 -4.44
C ASN B 58 -19.07 7.54 -4.77
N GLY B 59 -18.12 7.97 -5.59
CA GLY B 59 -16.94 7.16 -5.92
C GLY B 59 -17.15 6.04 -6.94
N TYR B 60 -18.33 5.98 -7.55
CA TYR B 60 -18.64 4.93 -8.53
C TYR B 60 -17.79 5.08 -9.78
N THR B 61 -17.27 3.95 -10.24
CA THR B 61 -16.29 3.94 -11.32
C THR B 61 -16.64 2.92 -12.39
N ARG B 62 -16.24 3.20 -13.63
CA ARG B 62 -16.41 2.26 -14.74
C ARG B 62 -15.17 2.28 -15.63
N TYR B 63 -14.84 1.11 -16.19
CA TYR B 63 -13.55 0.88 -16.86
C TYR B 63 -13.72 0.21 -18.22
N ALA B 64 -12.83 0.56 -19.14
CA ALA B 64 -12.74 -0.14 -20.42
C ALA B 64 -12.20 -1.53 -20.15
N ASP B 65 -12.68 -2.51 -20.91
CA ASP B 65 -12.31 -3.91 -20.66
C ASP B 65 -10.80 -4.13 -20.72
N SER B 66 -10.10 -3.37 -21.56
CA SER B 66 -8.64 -3.50 -21.70
C SER B 66 -7.91 -3.23 -20.38
N VAL B 67 -8.31 -2.18 -19.67
CA VAL B 67 -7.65 -1.80 -18.41
C VAL B 67 -8.24 -2.47 -17.16
N LYS B 68 -9.37 -3.15 -17.32
CA LYS B 68 -10.13 -3.73 -16.20
C LYS B 68 -9.23 -4.54 -15.27
N GLY B 69 -9.30 -4.23 -13.98
CA GLY B 69 -8.53 -4.94 -12.95
C GLY B 69 -7.03 -4.76 -13.09
N ARG B 70 -6.60 -3.56 -13.50
CA ARG B 70 -5.19 -3.22 -13.62
C ARG B 70 -4.97 -1.74 -13.30
N PHE B 71 -5.81 -0.89 -13.89
CA PHE B 71 -5.85 0.53 -13.57
C PHE B 71 -7.04 0.74 -12.65
N THR B 72 -6.81 1.29 -11.46
CA THR B 72 -7.91 1.81 -10.64
C THR B 72 -7.90 3.33 -10.75
N ILE B 73 -9.10 3.90 -10.87
CA ILE B 73 -9.30 5.34 -10.90
C ILE B 73 -10.10 5.72 -9.65
N SER B 74 -9.61 6.74 -8.95
CA SER B 74 -10.20 7.23 -7.71
C SER B 74 -10.21 8.76 -7.74
N ALA B 75 -10.89 9.36 -6.77
CA ALA B 75 -11.03 10.82 -6.74
C ALA B 75 -11.18 11.36 -5.33
N ASP B 76 -10.15 12.07 -4.86
CA ASP B 76 -10.17 12.74 -3.56
C ASP B 76 -10.89 14.10 -3.67
N THR B 77 -12.15 14.10 -3.23
CA THR B 77 -13.01 15.29 -3.31
C THR B 77 -12.44 16.53 -2.58
N SER B 78 -11.75 16.31 -1.47
CA SER B 78 -11.18 17.41 -0.68
C SER B 78 -10.20 18.27 -1.48
N LYS B 79 -9.41 17.61 -2.33
CA LYS B 79 -8.40 18.29 -3.14
C LYS B 79 -8.94 18.81 -4.48
N ASN B 80 -10.06 18.26 -4.92
CA ASN B 80 -10.60 18.56 -6.25
C ASN B 80 -9.62 18.06 -7.32
N THR B 81 -9.31 16.77 -7.22
CA THR B 81 -8.31 16.10 -8.05
C THR B 81 -8.77 14.66 -8.28
N ALA B 82 -8.32 14.07 -9.38
CA ALA B 82 -8.65 12.68 -9.73
C ALA B 82 -7.37 11.94 -10.08
N TYR B 83 -7.33 10.67 -9.71
CA TYR B 83 -6.10 9.89 -9.87
C TYR B 83 -6.36 8.65 -10.74
N LEU B 84 -5.29 8.06 -11.24
CA LEU B 84 -5.36 6.83 -12.02
C LEU B 84 -4.16 5.91 -11.73
N GLN B 85 -4.31 5.04 -10.72
CA GLN B 85 -3.24 4.14 -10.33
C GLN B 85 -3.16 2.99 -11.31
N MET B 86 -2.19 3.06 -12.23
CA MET B 86 -1.93 1.96 -13.16
C MET B 86 -1.03 0.93 -12.49
N ASN B 87 -1.39 -0.34 -12.64
CA ASN B 87 -0.57 -1.46 -12.18
C ASN B 87 -0.44 -2.48 -13.30
N SER B 88 0.66 -3.23 -13.28
CA SER B 88 0.90 -4.30 -14.27
C SER B 88 0.95 -3.77 -15.72
N LEU B 89 1.72 -2.70 -15.91
CA LEU B 89 1.79 -2.00 -17.20
C LEU B 89 2.29 -2.90 -18.34
N ARG B 90 1.43 -3.09 -19.33
CA ARG B 90 1.79 -3.82 -20.54
C ARG B 90 2.42 -2.84 -21.53
N ALA B 91 3.00 -3.37 -22.60
CA ALA B 91 3.62 -2.55 -23.64
C ALA B 91 2.59 -1.76 -24.42
N GLU B 92 1.41 -2.36 -24.60
CA GLU B 92 0.31 -1.74 -25.33
C GLU B 92 -0.30 -0.54 -24.58
N ASP B 93 0.04 -0.38 -23.30
CA ASP B 93 -0.43 0.78 -22.51
C ASP B 93 0.41 2.03 -22.75
N THR B 94 1.36 1.97 -23.68
CA THR B 94 2.20 3.12 -24.01
C THR B 94 1.39 4.13 -24.83
N ALA B 95 1.04 5.25 -24.21
CA ALA B 95 0.24 6.29 -24.85
C ALA B 95 0.29 7.63 -24.08
N VAL B 96 -0.35 8.66 -24.64
CA VAL B 96 -0.51 9.95 -23.94
C VAL B 96 -1.88 9.99 -23.28
N TYR B 97 -1.92 10.40 -22.02
CA TYR B 97 -3.12 10.28 -21.18
C TYR B 97 -3.70 11.64 -20.84
N TYR B 98 -4.89 11.93 -21.36
CA TYR B 98 -5.63 13.13 -21.04
C TYR B 98 -6.72 12.81 -20.02
N CYS B 99 -6.90 13.69 -19.04
CA CYS B 99 -8.09 13.64 -18.22
C CYS B 99 -9.04 14.72 -18.71
N SER B 100 -10.30 14.34 -18.87
CA SER B 100 -11.33 15.29 -19.27
C SER B 100 -12.50 15.22 -18.29
N ARG B 101 -13.29 16.29 -18.25
CA ARG B 101 -14.50 16.34 -17.47
C ARG B 101 -15.69 16.27 -18.41
N TRP B 102 -16.81 15.77 -17.90
CA TRP B 102 -18.11 16.08 -18.52
C TRP B 102 -18.54 17.44 -18.00
N GLY B 103 -19.55 18.01 -18.62
CA GLY B 103 -19.99 19.37 -18.31
C GLY B 103 -20.87 19.42 -17.09
N GLY B 104 -21.99 20.15 -17.20
CA GLY B 104 -22.93 20.31 -16.09
C GLY B 104 -23.75 19.06 -15.82
N ASP B 105 -24.96 19.24 -15.29
CA ASP B 105 -25.81 18.12 -14.93
C ASP B 105 -26.25 17.34 -16.15
N GLY B 106 -26.94 18.01 -17.07
CA GLY B 106 -27.50 17.35 -18.25
C GLY B 106 -26.74 17.68 -19.52
N PHE B 107 -25.41 17.59 -19.44
CA PHE B 107 -24.54 18.02 -20.52
C PHE B 107 -23.29 17.14 -20.54
N TYR B 108 -23.36 16.05 -21.31
CA TYR B 108 -22.39 14.97 -21.20
C TYR B 108 -21.46 14.84 -22.39
N ALA B 109 -20.97 15.98 -22.87
CA ALA B 109 -19.86 16.04 -23.80
C ALA B 109 -18.62 16.41 -23.01
N MET B 110 -17.45 16.01 -23.51
CA MET B 110 -16.20 16.34 -22.83
C MET B 110 -15.75 17.74 -23.23
N ASP B 111 -16.32 18.75 -22.57
CA ASP B 111 -16.08 20.14 -22.94
C ASP B 111 -14.70 20.68 -22.54
N TYR B 112 -14.18 20.25 -21.38
CA TYR B 112 -12.84 20.65 -20.93
C TYR B 112 -11.88 19.48 -20.83
N TRP B 113 -10.65 19.68 -21.31
CA TRP B 113 -9.63 18.65 -21.38
C TRP B 113 -8.33 19.20 -20.83
N GLY B 114 -7.45 18.32 -20.38
CA GLY B 114 -6.12 18.73 -19.92
C GLY B 114 -5.14 18.88 -21.07
N GLN B 115 -3.85 18.79 -20.75
CA GLN B 115 -2.77 18.92 -21.76
C GLN B 115 -2.13 17.58 -22.14
N GLY B 116 -2.27 16.59 -21.27
CA GLY B 116 -1.73 15.26 -21.48
C GLY B 116 -0.35 15.07 -20.86
N THR B 117 -0.10 13.86 -20.33
CA THR B 117 1.25 13.41 -19.99
C THR B 117 1.57 12.14 -20.75
N LEU B 118 2.80 12.02 -21.24
CA LEU B 118 3.24 10.81 -21.94
C LEU B 118 3.60 9.73 -20.94
N VAL B 119 3.28 8.49 -21.29
CA VAL B 119 3.64 7.33 -20.49
C VAL B 119 4.19 6.26 -21.42
N THR B 120 5.47 5.93 -21.26
CA THR B 120 6.14 4.91 -22.07
C THR B 120 6.48 3.67 -21.23
N VAL B 121 6.07 2.51 -21.73
CA VAL B 121 6.35 1.23 -21.10
C VAL B 121 7.52 0.54 -21.83
N SER B 122 8.74 0.79 -21.34
CA SER B 122 9.94 0.14 -21.90
C SER B 122 11.10 0.21 -20.91
N SER B 123 11.79 -0.92 -20.74
CA SER B 123 12.98 -0.97 -19.90
C SER B 123 14.16 -0.33 -20.62
N ALA B 124 14.36 0.97 -20.35
CA ALA B 124 15.49 1.73 -20.88
C ALA B 124 15.68 2.99 -20.04
N SER B 125 16.92 3.32 -19.72
CA SER B 125 17.20 4.46 -18.84
C SER B 125 17.22 5.77 -19.64
N THR B 126 17.34 6.88 -18.91
CA THR B 126 17.22 8.21 -19.48
C THR B 126 18.58 8.88 -19.69
N LYS B 127 19.06 8.84 -20.93
CA LYS B 127 20.27 9.57 -21.31
C LYS B 127 19.88 10.91 -21.91
N GLY B 128 20.22 11.98 -21.21
CA GLY B 128 20.13 13.33 -21.76
C GLY B 128 21.07 13.44 -22.96
N PRO B 129 20.57 13.98 -24.08
CA PRO B 129 21.32 13.96 -25.34
C PRO B 129 22.50 14.93 -25.41
N SER B 130 23.30 14.78 -26.47
CA SER B 130 24.33 15.76 -26.81
C SER B 130 23.79 16.63 -27.94
N VAL B 131 23.84 17.95 -27.76
CA VAL B 131 23.34 18.92 -28.75
C VAL B 131 24.47 19.48 -29.62
N PHE B 132 24.41 19.21 -30.92
CA PHE B 132 25.39 19.71 -31.88
C PHE B 132 24.80 20.91 -32.64
N PRO B 133 25.66 21.71 -33.30
CA PRO B 133 25.21 22.75 -34.22
C PRO B 133 25.19 22.29 -35.68
N LEU B 134 24.85 23.21 -36.58
CA LEU B 134 25.01 23.02 -38.02
C LEU B 134 25.50 24.33 -38.66
N ALA B 135 25.95 24.26 -39.92
CA ALA B 135 26.66 25.38 -40.55
C ALA B 135 25.80 26.19 -41.54
N PRO B 136 25.55 27.48 -41.23
CA PRO B 136 24.94 28.40 -42.20
C PRO B 136 25.97 29.09 -43.09
N GLY B 144 18.85 35.97 -50.65
CA GLY B 144 19.53 36.05 -49.36
C GLY B 144 18.77 35.34 -48.25
N THR B 145 18.93 34.02 -48.18
CA THR B 145 18.28 33.20 -47.15
C THR B 145 19.33 32.53 -46.25
N ALA B 146 19.31 32.90 -44.97
CA ALA B 146 20.22 32.31 -43.97
C ALA B 146 19.47 31.32 -43.08
N ALA B 147 19.62 30.03 -43.37
CA ALA B 147 19.01 28.96 -42.58
C ALA B 147 20.08 28.14 -41.84
N LEU B 148 19.82 27.83 -40.57
CA LEU B 148 20.75 27.08 -39.71
C LEU B 148 20.01 26.00 -38.92
N GLY B 149 20.70 25.31 -38.00
CA GLY B 149 20.03 24.27 -37.18
C GLY B 149 20.84 23.62 -36.08
N CYS B 150 20.14 23.03 -35.12
CA CYS B 150 20.73 22.22 -34.05
C CYS B 150 20.36 20.75 -34.28
N LEU B 151 21.20 19.83 -33.81
CA LEU B 151 20.97 18.39 -34.03
C LEU B 151 21.10 17.56 -32.75
N VAL B 152 20.03 17.51 -31.97
CA VAL B 152 19.99 16.79 -30.69
C VAL B 152 19.87 15.27 -30.92
N LYS B 153 20.91 14.53 -30.55
CA LYS B 153 21.05 13.13 -30.94
C LYS B 153 21.18 12.14 -29.76
N ASP B 154 20.59 10.96 -29.94
CA ASP B 154 20.70 9.82 -29.01
C ASP B 154 20.17 10.07 -27.60
N TYR B 155 18.83 10.00 -27.47
CA TYR B 155 18.14 10.18 -26.20
C TYR B 155 16.92 9.28 -26.09
N PHE B 156 16.41 9.14 -24.85
CA PHE B 156 15.26 8.30 -24.56
C PHE B 156 14.72 8.68 -23.18
N PRO B 157 13.39 8.79 -23.03
CA PRO B 157 12.31 8.78 -24.02
C PRO B 157 11.94 10.21 -24.43
N GLU B 158 10.89 10.36 -25.22
CA GLU B 158 10.41 11.69 -25.63
C GLU B 158 9.94 12.50 -24.41
N PRO B 159 9.67 13.82 -24.58
CA PRO B 159 9.80 14.73 -25.73
C PRO B 159 11.04 15.64 -25.67
N VAL B 160 11.02 16.75 -26.41
CA VAL B 160 12.07 17.77 -26.35
C VAL B 160 11.50 19.19 -26.54
N THR B 161 11.71 20.07 -25.55
CA THR B 161 11.26 21.46 -25.62
C THR B 161 12.37 22.38 -26.16
N VAL B 162 12.46 22.47 -27.48
CA VAL B 162 13.36 23.41 -28.14
C VAL B 162 12.70 24.79 -28.13
N SER B 163 13.50 25.85 -27.98
CA SER B 163 12.98 27.21 -27.90
C SER B 163 14.10 28.24 -28.11
N TRP B 164 14.04 28.95 -29.24
CA TRP B 164 15.11 29.88 -29.61
C TRP B 164 14.95 31.20 -28.86
N ASN B 165 15.82 31.40 -27.87
CA ASN B 165 15.77 32.55 -26.96
C ASN B 165 14.61 32.42 -25.97
N SER B 166 14.22 33.53 -25.34
CA SER B 166 13.14 33.53 -24.34
C SER B 166 11.80 33.17 -24.98
N GLY B 167 11.18 34.15 -25.65
CA GLY B 167 10.04 33.91 -26.54
C GLY B 167 10.20 34.78 -27.77
N ALA B 168 11.45 35.03 -28.16
CA ALA B 168 11.78 36.01 -29.19
C ALA B 168 11.53 35.45 -30.59
N LEU B 169 12.08 34.27 -30.87
CA LEU B 169 12.01 33.66 -32.20
C LEU B 169 10.93 32.58 -32.31
N THR B 170 9.83 32.92 -33.00
CA THR B 170 8.77 31.96 -33.33
C THR B 170 8.28 32.11 -34.78
N SER B 171 9.13 32.66 -35.64
CA SER B 171 8.80 32.87 -37.06
C SER B 171 9.76 32.04 -37.90
N GLY B 172 9.20 31.25 -38.83
CA GLY B 172 9.99 30.32 -39.62
C GLY B 172 10.78 29.38 -38.72
N VAL B 173 10.10 28.81 -37.72
CA VAL B 173 10.73 27.93 -36.75
C VAL B 173 10.13 26.52 -36.90
N HIS B 174 10.99 25.57 -37.24
CA HIS B 174 10.57 24.20 -37.51
C HIS B 174 11.31 23.21 -36.60
N THR B 175 10.60 22.70 -35.60
CA THR B 175 11.10 21.61 -34.76
C THR B 175 10.54 20.29 -35.28
N PHE B 176 11.42 19.39 -35.72
CA PHE B 176 10.99 18.13 -36.35
C PHE B 176 10.59 17.08 -35.31
N PRO B 177 9.85 16.04 -35.74
CA PRO B 177 9.61 14.87 -34.89
C PRO B 177 10.82 13.93 -34.82
N ALA B 178 10.78 13.01 -33.86
CA ALA B 178 11.88 12.07 -33.64
C ALA B 178 11.65 10.74 -34.37
N VAL B 179 12.64 9.84 -34.28
CA VAL B 179 12.59 8.53 -34.95
C VAL B 179 13.41 7.46 -34.21
N LEU B 180 12.83 6.26 -34.08
CA LEU B 180 13.49 5.14 -33.41
C LEU B 180 14.61 4.59 -34.27
N GLN B 181 15.84 4.77 -33.81
CA GLN B 181 17.00 4.14 -34.45
C GLN B 181 17.04 2.66 -34.10
N SER B 182 17.76 1.88 -34.89
CA SER B 182 17.91 0.45 -34.63
C SER B 182 18.67 0.20 -33.32
N SER B 183 19.51 1.15 -32.93
CA SER B 183 20.17 1.13 -31.62
C SER B 183 19.16 1.23 -30.47
N GLY B 184 18.16 2.08 -30.65
CA GLY B 184 17.14 2.31 -29.63
C GLY B 184 17.30 3.66 -28.96
N LEU B 185 17.49 4.70 -29.77
CA LEU B 185 17.63 6.07 -29.28
C LEU B 185 17.04 7.00 -30.33
N TYR B 186 16.34 8.04 -29.87
CA TYR B 186 15.67 8.96 -30.78
C TYR B 186 16.59 10.08 -31.25
N SER B 187 16.20 10.76 -32.33
CA SER B 187 16.99 11.86 -32.90
C SER B 187 16.13 12.76 -33.78
N LEU B 188 16.11 14.05 -33.46
CA LEU B 188 15.34 15.04 -34.22
C LEU B 188 16.28 16.12 -34.80
N SER B 189 15.68 17.14 -35.41
CA SER B 189 16.43 18.30 -35.88
C SER B 189 15.57 19.56 -35.78
N SER B 190 16.10 20.62 -35.16
CA SER B 190 15.35 21.87 -35.01
C SER B 190 16.02 23.00 -35.77
N VAL B 191 15.28 23.61 -36.71
CA VAL B 191 15.84 24.63 -37.61
C VAL B 191 15.05 25.94 -37.58
N VAL B 192 15.64 26.97 -38.20
CA VAL B 192 15.02 28.29 -38.31
C VAL B 192 15.64 29.09 -39.46
N THR B 193 14.83 29.92 -40.13
CA THR B 193 15.30 30.72 -41.27
C THR B 193 15.16 32.22 -41.03
N VAL B 194 16.09 32.98 -41.61
CA VAL B 194 16.12 34.44 -41.52
C VAL B 194 16.90 34.99 -42.73
N PRO B 195 16.85 36.32 -42.97
CA PRO B 195 17.67 36.92 -44.05
C PRO B 195 19.19 36.77 -43.86
N SER B 196 19.94 36.94 -44.94
CA SER B 196 21.41 36.80 -44.92
C SER B 196 22.12 38.04 -44.37
N SER B 197 21.39 39.15 -44.23
CA SER B 197 21.92 40.38 -43.64
C SER B 197 21.63 40.40 -42.13
N SER B 198 22.21 39.44 -41.42
CA SER B 198 22.03 39.30 -39.97
C SER B 198 23.10 38.38 -39.38
N LEU B 199 23.13 37.14 -39.86
CA LEU B 199 24.16 36.13 -39.52
C LEU B 199 24.88 36.37 -38.17
N GLY B 200 25.92 37.20 -38.18
CA GLY B 200 26.74 37.46 -37.00
C GLY B 200 26.66 38.90 -36.55
N THR B 201 25.56 39.25 -35.89
CA THR B 201 25.33 40.61 -35.38
C THR B 201 24.62 40.58 -34.03
N GLN B 202 23.44 39.96 -34.00
CA GLN B 202 22.63 39.87 -32.78
C GLN B 202 23.04 38.68 -31.92
N THR B 203 22.45 37.51 -32.19
CA THR B 203 22.68 36.29 -31.41
C THR B 203 21.61 35.25 -31.76
N TYR B 204 21.98 33.98 -31.77
CA TYR B 204 21.04 32.89 -32.04
C TYR B 204 21.38 31.61 -31.25
N ILE B 205 20.64 31.38 -30.17
CA ILE B 205 20.84 30.22 -29.30
C ILE B 205 19.57 29.37 -29.21
N CYS B 206 19.66 28.10 -29.61
CA CYS B 206 18.56 27.17 -29.47
C CYS B 206 18.60 26.58 -28.06
N ASN B 207 17.60 26.92 -27.24
CA ASN B 207 17.51 26.40 -25.88
C ASN B 207 16.76 25.07 -25.88
N VAL B 208 17.50 23.97 -25.78
CA VAL B 208 16.93 22.62 -25.73
C VAL B 208 16.72 22.20 -24.27
N ASN B 209 15.70 21.37 -24.04
CA ASN B 209 15.38 20.90 -22.70
C ASN B 209 14.93 19.43 -22.72
N HIS B 210 15.31 18.70 -21.68
CA HIS B 210 14.96 17.29 -21.52
C HIS B 210 14.64 17.06 -20.05
N LYS B 211 13.36 17.16 -19.70
CA LYS B 211 12.91 16.98 -18.32
C LYS B 211 13.13 15.58 -17.76
N PRO B 212 12.98 14.52 -18.59
CA PRO B 212 13.23 13.15 -18.11
C PRO B 212 14.58 12.92 -17.43
N SER B 213 15.63 13.60 -17.88
CA SER B 213 16.98 13.46 -17.29
C SER B 213 17.48 14.75 -16.64
N ASN B 214 16.57 15.67 -16.34
CA ASN B 214 16.89 16.97 -15.73
C ASN B 214 17.90 17.82 -16.50
N THR B 215 18.31 17.37 -17.70
CA THR B 215 19.41 18.01 -18.43
C THR B 215 18.93 19.18 -19.28
N LYS B 216 19.88 20.04 -19.66
CA LYS B 216 19.57 21.27 -20.39
C LYS B 216 20.84 21.88 -20.99
N VAL B 217 20.83 22.14 -22.31
CA VAL B 217 21.96 22.79 -22.99
C VAL B 217 21.45 23.97 -23.84
N ASP B 218 22.26 25.03 -23.90
CA ASP B 218 21.92 26.23 -24.69
C ASP B 218 23.02 26.53 -25.71
N LYS B 219 23.28 25.58 -26.61
CA LYS B 219 24.31 25.76 -27.66
C LYS B 219 23.85 26.75 -28.73
N LYS B 220 24.75 27.06 -29.66
CA LYS B 220 24.52 28.14 -30.62
C LYS B 220 24.99 27.76 -32.02
N VAL B 221 24.80 28.69 -32.98
CA VAL B 221 25.26 28.52 -34.36
C VAL B 221 25.97 29.80 -34.83
N GLU B 222 27.06 29.63 -35.59
CA GLU B 222 27.86 30.78 -36.03
C GLU B 222 28.58 30.51 -37.37
N PRO B 223 28.79 31.57 -38.18
CA PRO B 223 29.54 31.44 -39.44
C PRO B 223 30.89 30.75 -39.28
N ASP C 1 -22.96 -2.60 -26.18
CA ASP C 1 -22.06 -1.44 -26.48
C ASP C 1 -22.41 -0.85 -27.84
N ILE C 2 -21.70 0.20 -28.21
CA ILE C 2 -21.89 0.87 -29.51
C ILE C 2 -20.56 1.21 -30.18
N GLN C 3 -20.45 0.89 -31.46
CA GLN C 3 -19.28 1.25 -32.24
C GLN C 3 -19.61 2.41 -33.17
N MET C 4 -18.77 3.44 -33.13
CA MET C 4 -18.85 4.58 -34.05
C MET C 4 -17.80 4.38 -35.14
N THR C 5 -18.23 4.61 -36.38
CA THR C 5 -17.41 4.32 -37.55
C THR C 5 -17.46 5.52 -38.48
N GLN C 6 -16.35 6.27 -38.53
CA GLN C 6 -16.24 7.50 -39.31
C GLN C 6 -15.83 7.19 -40.71
N SER C 7 -16.16 8.10 -41.64
CA SER C 7 -15.71 7.97 -43.02
C SER C 7 -15.83 9.30 -43.77
N PRO C 8 -14.83 9.63 -44.62
CA PRO C 8 -13.63 8.84 -44.88
C PRO C 8 -12.65 8.91 -43.71
N SER C 9 -11.68 8.01 -43.67
CA SER C 9 -10.63 8.03 -42.63
C SER C 9 -9.61 9.14 -42.89
N SER C 10 -9.59 9.68 -44.10
CA SER C 10 -8.70 10.78 -44.45
C SER C 10 -9.21 11.51 -45.70
N LEU C 11 -8.97 12.81 -45.78
CA LEU C 11 -9.39 13.57 -46.95
C LEU C 11 -8.50 14.80 -47.18
N SER C 12 -8.61 15.35 -48.38
CA SER C 12 -7.76 16.47 -48.81
C SER C 12 -8.59 17.44 -49.65
N ALA C 13 -8.78 18.65 -49.13
CA ALA C 13 -9.62 19.65 -49.77
C ALA C 13 -8.89 20.98 -49.86
N SER C 14 -9.38 21.86 -50.72
CA SER C 14 -8.76 23.17 -50.87
C SER C 14 -9.49 24.24 -50.06
N VAL C 15 -8.76 25.32 -49.78
CA VAL C 15 -9.25 26.42 -48.99
C VAL C 15 -10.54 26.99 -49.57
N GLY C 16 -11.57 27.04 -48.72
CA GLY C 16 -12.85 27.61 -49.10
C GLY C 16 -13.87 26.57 -49.49
N ASP C 17 -13.40 25.35 -49.79
CA ASP C 17 -14.29 24.28 -50.24
C ASP C 17 -15.07 23.71 -49.07
N ARG C 18 -16.17 23.01 -49.37
CA ARG C 18 -17.04 22.39 -48.36
C ARG C 18 -16.61 20.94 -48.07
N VAL C 19 -16.34 20.62 -46.81
CA VAL C 19 -15.92 19.29 -46.38
C VAL C 19 -17.02 18.57 -45.59
N THR C 20 -17.20 17.27 -45.80
CA THR C 20 -18.26 16.52 -45.11
C THR C 20 -17.83 15.14 -44.61
N ILE C 21 -17.51 15.06 -43.31
CA ILE C 21 -17.18 13.81 -42.63
C ILE C 21 -18.45 13.20 -42.10
N THR C 22 -18.68 11.90 -42.32
CA THR C 22 -19.82 11.21 -41.66
C THR C 22 -19.38 10.22 -40.57
N CYS C 23 -20.32 9.85 -39.72
CA CYS C 23 -20.07 8.93 -38.61
C CYS C 23 -21.30 8.01 -38.49
N ARG C 24 -21.06 6.71 -38.31
CA ARG C 24 -22.13 5.72 -38.36
C ARG C 24 -22.14 4.79 -37.14
N ALA C 25 -23.22 4.88 -36.35
CA ALA C 25 -23.38 4.06 -35.15
C ALA C 25 -23.71 2.60 -35.49
N SER C 26 -23.21 1.66 -34.68
CA SER C 26 -23.43 0.24 -34.93
C SER C 26 -23.78 -0.50 -33.63
N GLN C 27 -24.96 -1.10 -33.61
CA GLN C 27 -25.53 -1.69 -32.39
C GLN C 27 -26.77 -2.53 -32.70
N ASP C 28 -27.26 -3.23 -31.68
CA ASP C 28 -28.60 -3.83 -31.73
C ASP C 28 -29.47 -3.32 -30.56
N ILE C 29 -29.14 -2.11 -30.11
CA ILE C 29 -30.01 -1.28 -29.27
C ILE C 29 -30.17 0.07 -30.01
N PRO C 30 -30.89 0.07 -31.15
CA PRO C 30 -30.82 1.23 -32.07
C PRO C 30 -31.53 2.49 -31.57
N ARG C 31 -32.85 2.57 -31.69
CA ARG C 31 -33.61 3.79 -31.37
C ARG C 31 -33.24 4.97 -32.29
N SER C 32 -32.62 6.01 -31.72
CA SER C 32 -32.21 7.19 -32.48
C SER C 32 -31.21 8.04 -31.68
N ILE C 33 -29.94 7.81 -31.97
CA ILE C 33 -28.84 8.47 -31.26
C ILE C 33 -28.62 9.92 -31.73
N SER C 34 -29.13 10.25 -32.91
CA SER C 34 -28.97 11.57 -33.53
C SER C 34 -28.58 12.67 -32.54
N GLY C 35 -29.49 13.03 -31.65
CA GLY C 35 -29.28 14.17 -30.76
C GLY C 35 -28.34 13.98 -29.59
N TYR C 36 -27.55 12.90 -29.58
CA TYR C 36 -26.69 12.57 -28.45
C TYR C 36 -25.28 12.19 -28.88
N VAL C 37 -24.82 12.87 -29.92
CA VAL C 37 -23.49 12.70 -30.47
C VAL C 37 -22.75 14.03 -30.38
N ALA C 38 -21.43 13.95 -30.24
CA ALA C 38 -20.60 15.16 -30.19
C ALA C 38 -19.42 15.02 -31.16
N TRP C 39 -18.86 16.15 -31.57
CA TRP C 39 -17.68 16.17 -32.45
C TRP C 39 -16.53 16.91 -31.78
N TYR C 40 -15.31 16.44 -32.01
CA TYR C 40 -14.13 17.08 -31.47
C TYR C 40 -13.08 17.29 -32.54
N GLN C 41 -12.32 18.37 -32.41
CA GLN C 41 -11.18 18.67 -33.29
C GLN C 41 -9.91 18.41 -32.50
N GLN C 42 -8.94 17.73 -33.10
CA GLN C 42 -7.63 17.56 -32.47
C GLN C 42 -6.51 17.88 -33.43
N LYS C 43 -5.53 18.65 -32.94
CA LYS C 43 -4.33 18.97 -33.72
C LYS C 43 -3.14 18.17 -33.17
N PRO C 44 -2.17 17.82 -34.05
CA PRO C 44 -1.06 16.94 -33.66
C PRO C 44 -0.48 17.25 -32.28
N GLY C 45 -0.61 16.30 -31.36
CA GLY C 45 -0.06 16.44 -30.01
C GLY C 45 -0.97 17.15 -29.01
N LYS C 46 -1.63 18.21 -29.47
CA LYS C 46 -2.53 19.01 -28.62
C LYS C 46 -3.78 18.21 -28.23
N ALA C 47 -4.45 18.67 -27.18
CA ALA C 47 -5.64 17.98 -26.66
C ALA C 47 -6.88 18.38 -27.46
N PRO C 48 -7.84 17.45 -27.60
CA PRO C 48 -9.09 17.70 -28.33
C PRO C 48 -9.89 18.93 -27.89
N LYS C 49 -10.49 19.62 -28.85
CA LYS C 49 -11.44 20.71 -28.58
C LYS C 49 -12.82 20.25 -28.99
N LEU C 50 -13.82 20.50 -28.15
CA LEU C 50 -15.20 20.22 -28.48
C LEU C 50 -15.65 21.17 -29.58
N LEU C 51 -16.34 20.63 -30.59
CA LEU C 51 -16.89 21.43 -31.68
C LEU C 51 -18.41 21.51 -31.60
N ILE C 52 -19.03 20.33 -31.50
CA ILE C 52 -20.48 20.20 -31.59
C ILE C 52 -20.97 19.28 -30.49
N TYR C 53 -22.13 19.58 -29.91
CA TYR C 53 -22.77 18.73 -28.91
C TYR C 53 -24.26 18.65 -29.19
N TRP C 54 -24.89 17.63 -28.61
CA TRP C 54 -26.29 17.32 -28.92
C TRP C 54 -26.58 17.37 -30.42
N GLY C 55 -25.63 16.92 -31.22
CA GLY C 55 -25.84 16.73 -32.65
C GLY C 55 -25.61 17.94 -33.53
N SER C 56 -26.23 19.07 -33.18
CA SER C 56 -26.18 20.26 -34.03
C SER C 56 -25.84 21.55 -33.33
N TYR C 57 -25.75 21.55 -31.99
CA TYR C 57 -25.49 22.79 -31.26
C TYR C 57 -24.01 23.15 -31.30
N LEU C 58 -23.70 24.38 -31.72
CA LEU C 58 -22.33 24.86 -31.84
C LEU C 58 -21.77 25.33 -30.49
N TYR C 59 -20.63 24.78 -30.10
CA TYR C 59 -19.99 25.14 -28.83
C TYR C 59 -19.36 26.53 -28.95
N SER C 60 -19.25 27.23 -27.83
CA SER C 60 -18.76 28.61 -27.83
C SER C 60 -17.28 28.67 -28.23
N GLY C 61 -16.92 29.76 -28.90
CA GLY C 61 -15.57 29.93 -29.44
C GLY C 61 -15.35 29.30 -30.80
N VAL C 62 -16.23 28.37 -31.20
CA VAL C 62 -16.06 27.63 -32.46
C VAL C 62 -16.70 28.40 -33.62
N PRO C 63 -15.95 28.62 -34.72
CA PRO C 63 -16.49 29.34 -35.88
C PRO C 63 -17.74 28.69 -36.44
N SER C 64 -18.67 29.49 -36.94
CA SER C 64 -19.95 28.97 -37.42
C SER C 64 -19.81 28.11 -38.69
N ARG C 65 -18.74 28.29 -39.44
CA ARG C 65 -18.48 27.48 -40.63
C ARG C 65 -18.45 25.98 -40.31
N PHE C 66 -18.11 25.65 -39.07
CA PHE C 66 -18.36 24.32 -38.53
C PHE C 66 -19.85 24.14 -38.27
N SER C 67 -20.44 23.05 -38.79
CA SER C 67 -21.83 22.69 -38.48
C SER C 67 -21.98 21.18 -38.42
N GLY C 68 -22.99 20.72 -37.70
CA GLY C 68 -23.27 19.30 -37.54
C GLY C 68 -24.75 18.97 -37.67
N SER C 69 -25.06 17.96 -38.49
CA SER C 69 -26.43 17.46 -38.63
C SER C 69 -26.48 15.95 -38.37
N GLY C 70 -27.69 15.42 -38.27
CA GLY C 70 -27.88 14.01 -37.97
C GLY C 70 -29.34 13.62 -37.83
N SER C 71 -29.63 12.38 -38.18
CA SER C 71 -30.95 11.78 -37.97
C SER C 71 -30.82 10.26 -38.07
N GLY C 72 -31.51 9.55 -37.19
CA GLY C 72 -31.43 8.10 -37.13
C GLY C 72 -30.20 7.69 -36.35
N THR C 73 -29.28 7.00 -37.03
CA THR C 73 -27.99 6.64 -36.47
C THR C 73 -26.81 7.12 -37.34
N ASP C 74 -27.10 8.01 -38.30
CA ASP C 74 -26.10 8.53 -39.23
C ASP C 74 -25.96 10.03 -39.03
N PHE C 75 -24.74 10.50 -38.78
CA PHE C 75 -24.49 11.92 -38.43
C PHE C 75 -23.40 12.52 -39.30
N THR C 76 -23.47 13.84 -39.49
CA THR C 76 -22.58 14.54 -40.42
C THR C 76 -22.05 15.86 -39.86
N LEU C 77 -20.72 16.00 -39.81
CA LEU C 77 -20.03 17.26 -39.56
C LEU C 77 -19.63 17.90 -40.88
N THR C 78 -20.23 19.03 -41.24
CA THR C 78 -19.77 19.79 -42.40
C THR C 78 -18.82 20.92 -41.96
N ILE C 79 -17.86 21.27 -42.81
CA ILE C 79 -17.08 22.50 -42.66
C ILE C 79 -17.28 23.30 -43.96
N SER C 80 -18.11 24.34 -43.89
CA SER C 80 -18.63 24.98 -45.11
C SER C 80 -17.63 25.83 -45.91
N SER C 81 -16.52 26.21 -45.29
CA SER C 81 -15.51 27.04 -45.96
C SER C 81 -14.13 26.75 -45.38
N LEU C 82 -13.55 25.62 -45.78
CA LEU C 82 -12.28 25.12 -45.22
C LEU C 82 -11.22 26.20 -45.12
N GLN C 83 -10.52 26.25 -43.99
CA GLN C 83 -9.44 27.20 -43.76
C GLN C 83 -8.17 26.46 -43.42
N PRO C 84 -7.00 27.10 -43.61
CA PRO C 84 -5.76 26.38 -43.35
C PRO C 84 -5.61 25.97 -41.88
N GLU C 85 -6.20 26.75 -40.97
CA GLU C 85 -6.26 26.37 -39.54
C GLU C 85 -6.94 25.01 -39.30
N ASP C 86 -7.85 24.63 -40.20
CA ASP C 86 -8.70 23.47 -40.01
C ASP C 86 -8.00 22.11 -40.16
N PHE C 87 -6.70 22.11 -40.48
CA PHE C 87 -5.90 20.88 -40.52
C PHE C 87 -6.01 20.18 -39.17
N ALA C 88 -6.46 18.92 -39.19
CA ALA C 88 -6.61 18.17 -37.95
C ALA C 88 -7.16 16.76 -38.20
N THR C 89 -7.32 16.02 -37.09
CA THR C 89 -8.18 14.86 -37.06
C THR C 89 -9.48 15.27 -36.38
N TYR C 90 -10.61 14.85 -36.94
CA TYR C 90 -11.91 15.11 -36.36
C TYR C 90 -12.52 13.80 -35.88
N TYR C 91 -13.04 13.80 -34.66
CA TYR C 91 -13.67 12.62 -34.08
C TYR C 91 -15.13 12.88 -33.76
N CYS C 92 -15.97 11.88 -33.98
CA CYS C 92 -17.33 11.87 -33.43
C CYS C 92 -17.26 11.08 -32.13
N GLN C 93 -18.23 11.30 -31.26
CA GLN C 93 -18.41 10.50 -30.06
C GLN C 93 -19.90 10.36 -29.83
N GLN C 94 -20.31 9.23 -29.26
CA GLN C 94 -21.68 9.06 -28.76
C GLN C 94 -21.62 8.93 -27.25
N HIS C 95 -22.58 9.52 -26.57
CA HIS C 95 -22.72 9.32 -25.14
C HIS C 95 -24.15 8.88 -24.86
N TYR C 96 -24.72 8.15 -25.81
CA TYR C 96 -26.07 7.63 -25.65
C TYR C 96 -26.07 6.43 -24.69
N THR C 97 -24.91 5.80 -24.60
CA THR C 97 -24.72 4.64 -23.77
C THR C 97 -23.40 4.87 -23.04
N THR C 98 -23.07 3.97 -22.13
CA THR C 98 -21.83 4.06 -21.38
C THR C 98 -21.11 2.71 -21.51
N PRO C 99 -19.81 2.73 -21.81
CA PRO C 99 -18.96 3.90 -21.93
C PRO C 99 -19.11 4.62 -23.25
N PRO C 100 -18.85 5.94 -23.26
CA PRO C 100 -19.05 6.72 -24.46
C PRO C 100 -17.86 6.48 -25.38
N THR C 101 -18.16 6.19 -26.64
CA THR C 101 -17.15 5.73 -27.56
C THR C 101 -16.88 6.75 -28.64
N PHE C 102 -15.62 6.79 -29.11
CA PHE C 102 -15.16 7.69 -30.17
C PHE C 102 -15.06 6.94 -31.48
N GLY C 103 -15.30 7.63 -32.59
CA GLY C 103 -14.94 7.09 -33.91
C GLY C 103 -13.42 6.99 -34.14
N GLN C 104 -13.03 6.37 -35.25
CA GLN C 104 -11.61 6.12 -35.51
C GLN C 104 -10.80 7.40 -35.82
N GLY C 105 -11.49 8.45 -36.26
CA GLY C 105 -10.87 9.74 -36.56
C GLY C 105 -10.72 9.98 -38.06
N THR C 106 -11.02 11.19 -38.51
CA THR C 106 -10.86 11.57 -39.92
C THR C 106 -9.78 12.65 -40.07
N LYS C 107 -8.68 12.31 -40.75
CA LYS C 107 -7.55 13.23 -40.94
C LYS C 107 -7.83 14.17 -42.11
N VAL C 108 -7.94 15.47 -41.83
CA VAL C 108 -8.11 16.47 -42.87
C VAL C 108 -6.77 17.06 -43.28
N GLU C 109 -6.63 17.41 -44.55
CA GLU C 109 -5.39 17.95 -45.09
C GLU C 109 -5.71 18.91 -46.22
N ILE C 110 -5.00 20.05 -46.24
CA ILE C 110 -5.35 21.16 -47.14
C ILE C 110 -4.65 21.06 -48.50
N LYS C 111 -5.43 20.88 -49.56
CA LYS C 111 -4.93 20.79 -50.93
C LYS C 111 -4.55 22.18 -51.41
N ARG C 112 -3.25 22.35 -51.69
CA ARG C 112 -2.64 23.66 -51.87
C ARG C 112 -1.87 23.77 -53.19
N THR C 113 -1.69 25.00 -53.68
CA THR C 113 -0.76 25.30 -54.76
C THR C 113 0.50 24.47 -54.61
N VAL C 114 0.89 23.75 -55.66
CA VAL C 114 2.15 22.99 -55.63
C VAL C 114 3.32 23.95 -55.44
N ALA C 115 4.32 23.51 -54.69
CA ALA C 115 5.44 24.36 -54.32
C ALA C 115 6.72 23.55 -54.12
N ALA C 116 7.78 23.97 -54.81
CA ALA C 116 9.10 23.36 -54.69
C ALA C 116 9.76 23.79 -53.38
N PRO C 117 10.66 22.95 -52.85
CA PRO C 117 11.37 23.25 -51.60
C PRO C 117 12.59 24.15 -51.79
N SER C 118 13.04 24.76 -50.69
CA SER C 118 14.30 25.49 -50.64
C SER C 118 15.32 24.58 -49.94
N VAL C 119 16.02 23.77 -50.73
CA VAL C 119 16.89 22.72 -50.18
C VAL C 119 18.13 23.31 -49.50
N PHE C 120 18.54 22.70 -48.39
CA PHE C 120 19.80 23.00 -47.72
C PHE C 120 20.49 21.68 -47.35
N ILE C 121 21.78 21.77 -47.06
CA ILE C 121 22.57 20.61 -46.63
C ILE C 121 23.58 21.05 -45.57
N PHE C 122 23.60 20.36 -44.45
CA PHE C 122 24.36 20.78 -43.27
C PHE C 122 25.39 19.74 -42.83
N PRO C 123 26.61 20.19 -42.49
CA PRO C 123 27.68 19.27 -42.11
C PRO C 123 27.71 19.00 -40.60
N PRO C 124 28.44 17.94 -40.19
CA PRO C 124 28.74 17.75 -38.77
C PRO C 124 29.91 18.65 -38.36
N SER C 125 29.69 19.53 -37.39
CA SER C 125 30.71 20.51 -36.98
C SER C 125 31.87 19.86 -36.22
N ASP C 126 32.87 20.68 -35.88
CA ASP C 126 34.03 20.22 -35.12
C ASP C 126 33.64 19.76 -33.71
N GLU C 127 32.53 20.31 -33.21
CA GLU C 127 31.93 19.85 -31.96
C GLU C 127 31.42 18.42 -32.13
N GLN C 128 30.62 18.20 -33.18
CA GLN C 128 29.97 16.90 -33.42
C GLN C 128 30.97 15.77 -33.73
N LEU C 129 32.04 16.10 -34.42
CA LEU C 129 33.03 15.10 -34.82
C LEU C 129 33.94 14.67 -33.66
N LYS C 130 34.16 15.56 -32.70
CA LYS C 130 34.93 15.23 -31.50
C LYS C 130 34.06 14.44 -30.52
N SER C 131 33.79 13.17 -30.86
CA SER C 131 32.82 12.36 -30.11
C SER C 131 32.99 10.85 -30.33
N GLY C 132 32.84 10.41 -31.57
CA GLY C 132 32.82 8.98 -31.90
C GLY C 132 32.08 8.66 -33.18
N THR C 133 31.01 9.40 -33.45
CA THR C 133 30.26 9.31 -34.71
C THR C 133 29.86 10.71 -35.20
N ALA C 134 29.21 10.79 -36.35
CA ALA C 134 28.76 12.05 -36.93
C ALA C 134 27.45 11.88 -37.70
N SER C 135 26.97 12.95 -38.35
CA SER C 135 25.75 12.90 -39.17
C SER C 135 25.56 14.15 -40.05
N VAL C 136 25.46 13.93 -41.36
CA VAL C 136 25.13 14.99 -42.31
C VAL C 136 23.62 14.93 -42.58
N VAL C 137 22.97 16.09 -42.59
CA VAL C 137 21.50 16.17 -42.73
C VAL C 137 21.07 17.00 -43.94
N CYS C 138 20.05 16.51 -44.64
CA CYS C 138 19.56 17.12 -45.88
C CYS C 138 18.10 17.56 -45.72
N LEU C 139 17.87 18.87 -45.83
CA LEU C 139 16.55 19.47 -45.56
C LEU C 139 15.76 19.84 -46.82
N LEU C 140 14.45 19.60 -46.79
CA LEU C 140 13.50 20.16 -47.76
C LEU C 140 12.55 21.06 -47.00
N ASN C 141 12.66 22.38 -47.19
CA ASN C 141 11.86 23.32 -46.43
C ASN C 141 10.61 23.75 -47.17
N ASN C 142 9.55 24.03 -46.40
CA ASN C 142 8.30 24.64 -46.91
C ASN C 142 7.89 24.23 -48.33
N PHE C 143 7.52 22.96 -48.49
CA PHE C 143 7.08 22.45 -49.80
C PHE C 143 5.71 21.77 -49.74
N TYR C 144 5.07 21.69 -50.89
CA TYR C 144 3.83 20.94 -51.07
C TYR C 144 3.79 20.43 -52.52
N PRO C 145 3.20 19.24 -52.80
CA PRO C 145 2.52 18.25 -51.96
C PRO C 145 3.42 17.43 -51.04
N ARG C 146 2.83 16.44 -50.37
CA ARG C 146 3.49 15.67 -49.34
C ARG C 146 4.63 14.81 -49.90
N GLU C 147 4.35 14.11 -51.00
CA GLU C 147 5.25 13.08 -51.51
C GLU C 147 6.54 13.67 -52.10
N ALA C 148 7.68 13.12 -51.70
CA ALA C 148 8.97 13.54 -52.25
C ALA C 148 10.07 12.52 -51.92
N LYS C 149 11.02 12.36 -52.84
CA LYS C 149 12.15 11.44 -52.66
C LYS C 149 13.45 12.21 -52.47
N VAL C 150 14.32 11.69 -51.61
CA VAL C 150 15.61 12.31 -51.31
C VAL C 150 16.73 11.26 -51.36
N GLN C 151 17.43 11.19 -52.49
CA GLN C 151 18.53 10.23 -52.68
C GLN C 151 19.88 10.80 -52.26
N TRP C 152 20.66 9.97 -51.58
CA TRP C 152 22.02 10.33 -51.16
C TRP C 152 23.05 9.78 -52.14
N LYS C 153 24.11 10.56 -52.37
CA LYS C 153 25.19 10.17 -53.28
C LYS C 153 26.55 10.57 -52.70
N VAL C 154 27.21 9.61 -52.05
CA VAL C 154 28.60 9.79 -51.62
C VAL C 154 29.47 9.62 -52.87
N ASP C 155 29.96 10.76 -53.39
CA ASP C 155 30.58 10.83 -54.72
C ASP C 155 29.58 10.43 -55.81
N ASN C 156 29.38 9.13 -56.02
CA ASN C 156 28.39 8.62 -56.98
C ASN C 156 27.66 7.34 -56.56
N ALA C 157 27.90 6.86 -55.34
CA ALA C 157 27.34 5.59 -54.86
C ALA C 157 25.90 5.75 -54.37
N LEU C 158 25.00 4.93 -54.91
CA LEU C 158 23.57 5.00 -54.58
C LEU C 158 23.29 4.22 -53.29
N GLN C 159 22.80 4.91 -52.25
CA GLN C 159 22.62 4.30 -50.92
C GLN C 159 21.35 3.45 -50.86
N SER C 160 21.43 2.33 -50.14
CA SER C 160 20.36 1.34 -50.10
C SER C 160 19.44 1.48 -48.89
N GLY C 161 20.02 1.44 -47.70
CA GLY C 161 19.25 1.50 -46.45
C GLY C 161 20.06 1.89 -45.24
N ASN C 162 20.53 3.14 -45.22
CA ASN C 162 21.26 3.69 -44.07
C ASN C 162 20.84 5.12 -43.69
N SER C 163 19.62 5.52 -44.08
CA SER C 163 19.08 6.85 -43.79
C SER C 163 17.75 6.74 -43.04
N GLN C 164 17.25 7.88 -42.57
CA GLN C 164 15.99 7.94 -41.81
C GLN C 164 15.10 9.11 -42.23
N GLU C 165 13.79 8.91 -42.12
CA GLU C 165 12.78 9.82 -42.68
C GLU C 165 11.99 10.55 -41.60
N SER C 166 12.10 11.87 -41.56
CA SER C 166 11.29 12.69 -40.65
C SER C 166 10.58 13.81 -41.43
N VAL C 167 9.31 14.04 -41.12
CA VAL C 167 8.49 15.02 -41.83
C VAL C 167 7.60 15.80 -40.86
N THR C 168 7.42 17.11 -41.14
CA THR C 168 6.60 17.98 -40.29
C THR C 168 5.11 17.80 -40.57
N GLU C 169 4.29 18.19 -39.60
CA GLU C 169 2.84 18.24 -39.80
C GLU C 169 2.55 19.47 -40.64
N GLN C 170 1.50 19.39 -41.46
CA GLN C 170 1.13 20.51 -42.33
C GLN C 170 1.07 21.81 -41.51
N ASP C 171 1.62 22.88 -42.07
CA ASP C 171 1.64 24.19 -41.40
C ASP C 171 0.22 24.73 -41.22
N SER C 172 -0.08 25.33 -40.07
CA SER C 172 -1.45 25.84 -39.81
C SER C 172 -1.78 27.15 -40.53
N LYS C 173 -0.78 27.79 -41.14
CA LYS C 173 -0.96 29.06 -41.84
C LYS C 173 -0.87 28.90 -43.36
N ASP C 174 0.32 28.57 -43.86
CA ASP C 174 0.53 28.41 -45.30
C ASP C 174 0.23 27.00 -45.79
N SER C 175 0.10 26.06 -44.85
CA SER C 175 -0.13 24.64 -45.15
C SER C 175 0.91 24.04 -46.10
N THR C 176 2.19 24.23 -45.77
CA THR C 176 3.28 23.53 -46.45
C THR C 176 3.90 22.52 -45.50
N TYR C 177 4.60 21.54 -46.05
CA TYR C 177 5.29 20.53 -45.27
C TYR C 177 6.77 20.89 -45.14
N SER C 178 7.51 20.04 -44.44
CA SER C 178 8.98 20.10 -44.41
C SER C 178 9.55 18.75 -44.00
N LEU C 179 10.62 18.33 -44.66
CA LEU C 179 11.20 16.99 -44.47
C LEU C 179 12.67 17.07 -44.05
N SER C 180 13.14 16.04 -43.36
CA SER C 180 14.57 15.89 -43.08
C SER C 180 14.98 14.44 -43.31
N SER C 181 15.88 14.25 -44.27
CA SER C 181 16.55 12.98 -44.51
C SER C 181 17.97 13.09 -43.99
N THR C 182 18.34 12.17 -43.09
CA THR C 182 19.66 12.16 -42.47
C THR C 182 20.34 10.80 -42.73
N LEU C 183 21.62 10.83 -43.07
CA LEU C 183 22.37 9.61 -43.37
C LEU C 183 23.21 9.16 -42.16
N THR C 184 22.87 7.99 -41.63
CA THR C 184 23.52 7.45 -40.43
C THR C 184 24.87 6.81 -40.78
N LEU C 185 25.95 7.52 -40.49
CA LEU C 185 27.32 6.99 -40.62
C LEU C 185 28.26 7.65 -39.59
N SER C 186 29.14 6.84 -39.01
CA SER C 186 30.09 7.32 -38.00
C SER C 186 31.24 8.08 -38.66
N LYS C 187 32.36 8.23 -37.95
CA LYS C 187 33.59 8.78 -38.52
C LYS C 187 34.35 7.72 -39.36
N ALA C 188 33.82 6.50 -39.43
CA ALA C 188 34.43 5.40 -40.17
C ALA C 188 34.62 5.74 -41.65
N ASP C 189 33.52 5.80 -42.41
CA ASP C 189 33.57 6.17 -43.82
C ASP C 189 33.16 7.64 -43.99
N TYR C 190 33.84 8.51 -43.25
CA TYR C 190 33.57 9.95 -43.25
C TYR C 190 34.80 10.72 -43.70
N GLU C 191 35.92 10.50 -43.00
CA GLU C 191 37.19 11.14 -43.33
C GLU C 191 37.69 10.74 -44.72
N LYS C 192 37.17 9.63 -45.23
CA LYS C 192 37.48 9.15 -46.57
C LYS C 192 37.12 10.18 -47.65
N HIS C 193 35.83 10.44 -47.84
CA HIS C 193 35.34 11.27 -48.96
C HIS C 193 35.27 12.76 -48.61
N LYS C 194 35.11 13.59 -49.64
CA LYS C 194 35.20 15.06 -49.51
C LYS C 194 34.02 15.82 -50.12
N VAL C 195 33.27 15.19 -51.03
CA VAL C 195 32.16 15.85 -51.73
C VAL C 195 30.85 15.06 -51.60
N TYR C 196 30.14 15.32 -50.50
CA TYR C 196 28.86 14.66 -50.23
C TYR C 196 27.74 15.29 -51.04
N ALA C 197 26.81 14.47 -51.52
CA ALA C 197 25.70 14.95 -52.35
C ALA C 197 24.35 14.62 -51.73
N CYS C 198 23.30 15.25 -52.28
CA CYS C 198 21.92 14.96 -51.88
C CYS C 198 20.99 15.42 -53.01
N GLU C 199 20.31 14.46 -53.64
CA GLU C 199 19.41 14.76 -54.76
C GLU C 199 17.94 14.56 -54.35
N VAL C 200 17.08 15.48 -54.77
CA VAL C 200 15.70 15.55 -54.27
C VAL C 200 14.67 15.63 -55.40
N THR C 201 13.92 14.55 -55.60
CA THR C 201 12.87 14.50 -56.60
C THR C 201 11.54 15.00 -56.00
N HIS C 202 10.78 15.75 -56.80
CA HIS C 202 9.52 16.34 -56.34
C HIS C 202 8.67 16.79 -57.51
N GLN C 203 7.35 16.68 -57.35
CA GLN C 203 6.39 17.08 -58.40
C GLN C 203 6.59 18.54 -58.82
N GLY C 204 6.90 19.40 -57.86
CA GLY C 204 7.14 20.82 -58.12
C GLY C 204 8.54 21.16 -58.61
N LEU C 205 9.22 20.18 -59.22
CA LEU C 205 10.51 20.40 -59.87
C LEU C 205 10.45 19.90 -61.31
N SER C 206 11.09 20.63 -62.22
CA SER C 206 11.25 20.17 -63.61
C SER C 206 12.09 18.90 -63.64
N SER C 207 13.13 18.88 -62.81
CA SER C 207 14.08 17.78 -62.76
C SER C 207 14.84 17.87 -61.43
N PRO C 208 15.14 16.72 -60.79
CA PRO C 208 15.93 16.67 -59.56
C PRO C 208 17.08 17.69 -59.49
N VAL C 209 17.10 18.48 -58.41
CA VAL C 209 18.16 19.46 -58.15
C VAL C 209 18.88 19.09 -56.85
N THR C 210 20.15 19.46 -56.71
CA THR C 210 20.99 19.03 -55.59
C THR C 210 21.84 20.16 -54.99
N LYS C 211 22.14 20.04 -53.69
CA LYS C 211 23.03 20.97 -52.98
C LYS C 211 24.09 20.23 -52.15
N SER C 212 25.19 20.94 -51.83
CA SER C 212 26.31 20.34 -51.09
C SER C 212 27.19 21.41 -50.41
N PHE C 213 28.20 20.95 -49.67
CA PHE C 213 29.14 21.83 -48.96
C PHE C 213 30.61 21.56 -49.31
N ASN C 214 31.45 22.58 -49.15
CA ASN C 214 32.90 22.47 -49.36
C ASN C 214 33.63 22.44 -48.03
N ARG C 215 34.55 21.49 -47.87
CA ARG C 215 35.29 21.30 -46.62
C ARG C 215 36.54 22.19 -46.54
N GLY C 216 36.57 23.11 -45.57
CA GLY C 216 37.71 24.01 -45.42
C GLY C 216 37.68 24.80 -44.12
C1 NAG D . 22.42 -20.20 21.35
C2 NAG D . 22.32 -21.22 22.46
C3 NAG D . 22.32 -22.63 21.86
C4 NAG D . 21.39 -22.76 20.65
C5 NAG D . 21.44 -21.51 19.75
C6 NAG D . 20.32 -21.44 18.72
C7 NAG D . 23.21 -20.49 24.60
C8 NAG D . 24.38 -20.33 25.53
N2 NAG D . 23.41 -21.01 23.39
O3 NAG D . 21.92 -23.49 22.89
O4 NAG D . 21.64 -23.96 19.91
O5 NAG D . 21.29 -20.34 20.54
O6 NAG D . 20.69 -20.45 17.79
O7 NAG D . 22.10 -20.17 24.96
C1 NAG E . -15.02 -13.74 5.32
C2 NAG E . -14.43 -12.33 5.14
C3 NAG E . -13.18 -12.32 4.24
C4 NAG E . -12.22 -13.45 4.56
C5 NAG E . -13.00 -14.74 4.57
C6 NAG E . -12.12 -15.95 4.85
C7 NAG E . -16.04 -10.47 5.10
C8 NAG E . -16.90 -10.80 6.29
N2 NAG E . -15.42 -11.48 4.49
O3 NAG E . -12.50 -11.09 4.36
O4 NAG E . -11.22 -13.46 3.56
O5 NAG E . -14.00 -14.68 5.58
O6 NAG E . -12.79 -17.10 4.38
O7 NAG E . -15.96 -9.29 4.69
O1 MES F . -10.76 2.13 -32.75
C2 MES F . -11.44 3.34 -32.38
C3 MES F . -10.71 3.98 -31.22
N4 MES F . -10.66 2.97 -30.17
C5 MES F . -10.05 1.68 -30.45
C6 MES F . -10.76 1.15 -31.71
C7 MES F . -11.21 3.25 -28.85
C8 MES F . -12.73 3.38 -28.95
S MES F . -13.38 4.13 -27.61
O1S MES F . -12.56 3.85 -26.40
O2S MES F . -13.44 5.59 -27.82
O3S MES F . -14.73 3.57 -27.40
#